data_8J6J
#
_entry.id   8J6J
#
_cell.length_a   1.00
_cell.length_b   1.00
_cell.length_c   1.00
_cell.angle_alpha   90.00
_cell.angle_beta   90.00
_cell.angle_gamma   90.00
#
_symmetry.space_group_name_H-M   'P 1'
#
loop_
_entity.id
_entity.type
_entity.pdbx_description
1 polymer 'Guanine nucleotide-binding protein G(i) subunit alpha-1'
2 polymer 'Guanine nucleotide-binding protein G(I)/G(S)/G(T) subunit beta-1'
3 polymer 'Guanine nucleotide-binding protein G(I)/G(S)/G(O) subunit gamma-2'
4 polymer Scfv16
5 polymer 'Hydroxycarboxylic acid receptor 2,hydroxycarboxylic acid receptor 2'
6 non-polymer 8-chloranyl-3-pentyl-7H-purine-2,6-dione
#
loop_
_entity_poly.entity_id
_entity_poly.type
_entity_poly.pdbx_seq_one_letter_code
_entity_poly.pdbx_strand_id
1 'polypeptide(L)'
;MGCTLSAEDKAAVERSKMIDRNLREDGEKAAREVKLLLLGAGESGKNTIVKQMKIIHEAGYSEEECKQYKAVVYSNTIQS
IIAIIRAMGRLKIDFGDSARADDARQLFVLAGAAEEGFMTAELAGVIKRLWKDSGVQACFNRSREYQLNDSAAYYLNDLD
RIAQPNYIPTQQDVLRTRVKTTGIVETHFTFKDLHFKMFDVGAQRSERKKWIHCFEGVTAIIFCVALSDYDLVLAEDEEM
NRMHASMKLFDSICNNKWFTDTSIILFLNKKDLFEEKIKKSPLTICYPEYAGSNTYEEAAAYIQCQFEDLNKRKDTKEIY
THFTCSTDTKNVQFVFDAVTDVIIKNNLKDCGLF
;
A
2 'polypeptide(L)'
;GSLLQSELDQLRQEAEQLKNQIRDARKACADATLSQITNNIDPVGRIQMRTRRTLRGHLAKIYAMHWGTDSRLLVSASQD
GKLIIWDSYTTNKVHAIPLRSSWVMTCAYAPSGNYVACGGLDNICSIYNLKTREGNVRVSRELAGHTGYLSCCRFLDDNQ
IVTSSGDTTCALWDIETGQQTTTFTGHTGDVMSLSLAPDTRLFVSGACDASAKLWDVREGMCRQTFTGHESDINAICFFP
NGNAFATGSDDATCRLFDLRADQELMTYSHDNIICGITSVSFSKSGRLLLAGYDDFNCNVWDALKADRAGVLAGHDNRVS
CLGVTDDGMAVATGSWDSFLKIWNGSSGGGGSGGGGSSGVSGWRLFKKIS
;
B
3 'polypeptide(L)' ASNNTASIAQARKLVEQLKMEANIDRIKVSKAAADLMAYCEAHAKEDPLLTPVPASENPFREKKFFCAIL G
4 'polypeptide(L)'
;VQLVESGGGLVQPGGSRKLSCSASGFAFSSFGMHWVRQAPEKGLEWVAYISSGSGTIYYADTVKGRFTISRDDPKNTLFL
QMTSLRSEDTAMYYCVRSIYYYGSSPFDFWGQGTTLTVSAGGGGSGGGGSGGGGSADIVMTQATSSVPVTPGESVSISCR
SSKSLLHSNGNTYLYWFLQRPGQSPQLLIYRMSNLASGVPDRFSGSGSGTAFTLTISRLEAEDVGVYYCMQHLEYPLTFG
AGTKLEL
;
H
5 'polypeptide(L)'
;MNRHHLQDHFLEIDKKNCCVFRDDFIVKVLPPVLGLEFIFGLLGNGLALWIFCFHLKSWKSSRIFLFNLAVADFLLIICL
PFLMDNYVRRWDWKFGDIPCRLMLFMLAMNRQGSIIFLTVVAVDRYFRVVHPHHALNKISNRTAAIISCLLWGITIGLTV
HLLKKKMPIQNGGANLCSSFSICHTFQWHEAMFLLEFFLPLGIILFCSARIIWSLRQRQMDRHAKIKRAITFIMVVAIVF
VICFLPSVVVRIRIFWLLHTSGTQNCEVYRSVDLAFFITLSFTYMNSMLDPVVYYFSSPSFPNFFSTLINRCLQRKMTGE
PDNNRSTSVEVFTLEDFVGDWEQTAAYNLDQVLEQGGVSSLLQNLAVSVTPIQRIVRSGENALKIDIHVIIPYEGLSADQ
MAQIEEVFKVVYPVDDHHFKVILPYGTLVIDGVTPNMLNYFGRPYEGIAVFDGKKITVTGTLWNGNKIIDERLITPDGSM
LFRVTINS
;
R
#
loop_
_chem_comp.id
_chem_comp.type
_chem_comp.name
_chem_comp.formula
OKL non-polymer 8-chloranyl-3-pentyl-7H-purine-2,6-dione 'C10 H13 Cl N4 O2'
#
# COMPACT_ATOMS: atom_id res chain seq x y z
N LEU A 5 -4.74 2.82 25.99
CA LEU A 5 -5.03 1.54 26.70
C LEU A 5 -6.15 0.78 25.99
N SER A 6 -6.20 -0.53 26.22
CA SER A 6 -7.22 -1.37 25.59
C SER A 6 -7.40 -2.63 26.43
N ALA A 7 -8.63 -3.16 26.41
CA ALA A 7 -8.97 -4.39 27.11
C ALA A 7 -9.32 -5.51 26.14
N GLU A 8 -10.28 -5.29 25.25
CA GLU A 8 -10.61 -6.22 24.18
C GLU A 8 -10.12 -5.78 22.82
N ASP A 9 -9.82 -4.49 22.65
CA ASP A 9 -9.31 -4.00 21.37
C ASP A 9 -7.95 -4.59 21.05
N LYS A 10 -7.26 -5.17 22.03
CA LYS A 10 -5.98 -5.81 21.76
C LYS A 10 -6.14 -7.02 20.85
N ALA A 11 -7.23 -7.77 21.02
CA ALA A 11 -7.52 -8.87 20.11
C ALA A 11 -7.75 -8.34 18.69
N ALA A 12 -8.47 -7.23 18.56
CA ALA A 12 -8.66 -6.62 17.25
C ALA A 12 -7.33 -6.18 16.65
N VAL A 13 -6.43 -5.63 17.48
CA VAL A 13 -5.12 -5.23 16.99
C VAL A 13 -4.33 -6.44 16.52
N GLU A 14 -4.40 -7.55 17.25
CA GLU A 14 -3.72 -8.76 16.84
C GLU A 14 -4.27 -9.27 15.51
N ARG A 15 -5.59 -9.25 15.35
CA ARG A 15 -6.19 -9.66 14.08
C ARG A 15 -5.74 -8.75 12.95
N SER A 16 -5.67 -7.44 13.22
CA SER A 16 -5.20 -6.50 12.19
C SER A 16 -3.75 -6.78 11.82
N LYS A 17 -2.92 -7.10 12.81
CA LYS A 17 -1.52 -7.39 12.52
C LYS A 17 -1.39 -8.67 11.69
N MET A 18 -2.19 -9.68 12.00
CA MET A 18 -2.18 -10.90 11.18
C MET A 18 -2.62 -10.59 9.76
N ILE A 19 -3.67 -9.76 9.61
CA ILE A 19 -4.13 -9.36 8.28
C ILE A 19 -3.02 -8.62 7.54
N ASP A 20 -2.30 -7.76 8.25
CA ASP A 20 -1.20 -7.02 7.63
C ASP A 20 -0.08 -7.96 7.18
N ARG A 21 0.22 -8.98 7.99
CA ARG A 21 1.22 -9.96 7.59
C ARG A 21 0.78 -10.70 6.33
N ASN A 22 -0.49 -11.10 6.26
CA ASN A 22 -0.99 -11.75 5.06
C ASN A 22 -0.92 -10.81 3.86
N LEU A 23 -1.25 -9.53 4.06
CA LEU A 23 -1.16 -8.56 2.98
C LEU A 23 0.27 -8.40 2.50
N ARG A 24 1.23 -8.39 3.42
CA ARG A 24 2.63 -8.28 3.03
C ARG A 24 3.07 -9.50 2.23
N GLU A 25 2.65 -10.70 2.67
CA GLU A 25 2.99 -11.90 1.91
C GLU A 25 2.39 -11.84 0.50
N ASP A 26 1.13 -11.43 0.39
CA ASP A 26 0.50 -11.31 -0.92
C ASP A 26 1.18 -10.26 -1.78
N GLY A 27 1.60 -9.14 -1.18
CA GLY A 27 2.31 -8.13 -1.93
C GLY A 27 3.66 -8.62 -2.45
N GLU A 28 4.38 -9.38 -1.62
CA GLU A 28 5.62 -9.99 -2.09
C GLU A 28 5.36 -10.94 -3.25
N LYS A 29 4.31 -11.77 -3.14
CA LYS A 29 3.99 -12.68 -4.23
C LYS A 29 3.65 -11.92 -5.51
N ALA A 30 2.87 -10.85 -5.39
CA ALA A 30 2.52 -10.07 -6.56
C ALA A 30 3.73 -9.40 -7.18
N ALA A 31 4.62 -8.86 -6.35
CA ALA A 31 5.83 -8.21 -6.86
C ALA A 31 6.71 -9.22 -7.59
N ARG A 32 6.82 -10.44 -7.07
CA ARG A 32 7.61 -11.46 -7.74
C ARG A 32 7.06 -11.75 -9.14
N GLU A 33 5.75 -11.83 -9.27
CA GLU A 33 5.14 -12.06 -10.57
C GLU A 33 5.33 -10.86 -11.48
N VAL A 34 5.46 -11.14 -12.78
CA VAL A 34 5.64 -10.11 -13.79
C VAL A 34 4.34 -9.94 -14.57
N LYS A 35 3.93 -8.70 -14.78
CA LYS A 35 2.67 -8.38 -15.43
C LYS A 35 2.92 -7.97 -16.88
N LEU A 36 2.13 -8.53 -17.79
CA LEU A 36 2.22 -8.23 -19.21
C LEU A 36 0.84 -7.84 -19.73
N LEU A 37 0.82 -6.86 -20.63
CA LEU A 37 -0.42 -6.36 -21.22
C LEU A 37 -0.50 -6.77 -22.68
N LEU A 38 -1.67 -7.26 -23.09
CA LEU A 38 -1.90 -7.70 -24.46
C LEU A 38 -2.75 -6.67 -25.19
N LEU A 39 -2.30 -6.28 -26.38
CA LEU A 39 -3.02 -5.30 -27.20
C LEU A 39 -2.87 -5.68 -28.66
N GLY A 40 -3.81 -5.20 -29.46
CA GLY A 40 -3.79 -5.44 -30.90
C GLY A 40 -5.19 -5.66 -31.45
N ALA A 41 -5.43 -5.15 -32.66
CA ALA A 41 -6.70 -5.34 -33.33
C ALA A 41 -6.81 -6.76 -33.87
N GLY A 42 -8.03 -7.29 -33.85
CA GLY A 42 -8.27 -8.64 -34.34
C GLY A 42 -8.12 -9.69 -33.28
N GLU A 43 -9.15 -10.53 -33.10
CA GLU A 43 -9.11 -11.57 -32.09
C GLU A 43 -8.20 -12.72 -32.51
N SER A 44 -8.08 -12.97 -33.81
CA SER A 44 -7.33 -14.13 -34.29
C SER A 44 -5.86 -14.03 -33.90
N GLY A 45 -5.25 -12.87 -34.10
CA GLY A 45 -3.83 -12.72 -33.78
C GLY A 45 -3.55 -12.89 -32.30
N LYS A 46 -4.36 -12.25 -31.46
CA LYS A 46 -4.17 -12.38 -30.02
C LYS A 46 -4.43 -13.81 -29.55
N ASN A 47 -5.41 -14.48 -30.14
CA ASN A 47 -5.67 -15.87 -29.79
C ASN A 47 -4.48 -16.75 -30.17
N THR A 48 -3.90 -16.53 -31.36
CA THR A 48 -2.72 -17.29 -31.75
C THR A 48 -1.56 -17.01 -30.79
N ILE A 49 -1.36 -15.76 -30.41
CA ILE A 49 -0.29 -15.42 -29.48
C ILE A 49 -0.50 -16.13 -28.16
N VAL A 50 -1.73 -16.12 -27.64
CA VAL A 50 -2.01 -16.76 -26.37
C VAL A 50 -1.76 -18.26 -26.45
N LYS A 51 -2.24 -18.89 -27.52
CA LYS A 51 -2.06 -20.34 -27.68
C LYS A 51 -0.60 -20.71 -27.88
N GLN A 52 0.22 -19.79 -28.40
CA GLN A 52 1.64 -20.07 -28.59
C GLN A 52 2.43 -20.08 -27.29
N MET A 53 1.82 -19.64 -26.18
CA MET A 53 2.50 -19.64 -24.89
C MET A 53 2.34 -21.00 -24.21
N THR A 182 -16.30 -10.91 -21.92
CA THR A 182 -16.77 -10.80 -20.55
C THR A 182 -15.86 -9.87 -19.74
N GLY A 183 -15.06 -9.08 -20.44
CA GLY A 183 -14.17 -8.14 -19.79
C GLY A 183 -12.72 -8.59 -19.78
N ILE A 184 -12.04 -8.42 -18.64
CA ILE A 184 -10.64 -8.79 -18.55
C ILE A 184 -10.51 -10.30 -18.53
N VAL A 185 -9.62 -10.83 -19.36
CA VAL A 185 -9.29 -12.24 -19.40
C VAL A 185 -7.83 -12.38 -18.98
N GLU A 186 -7.58 -13.19 -17.95
CA GLU A 186 -6.26 -13.34 -17.38
C GLU A 186 -5.71 -14.72 -17.72
N THR A 187 -4.48 -14.76 -18.22
CA THR A 187 -3.79 -16.01 -18.55
C THR A 187 -2.52 -16.10 -17.71
N HIS A 188 -2.36 -17.22 -17.01
CA HIS A 188 -1.21 -17.46 -16.15
C HIS A 188 -0.38 -18.60 -16.73
N PHE A 189 0.91 -18.35 -16.91
CA PHE A 189 1.83 -19.37 -17.40
C PHE A 189 3.21 -19.11 -16.81
N THR A 190 3.91 -20.18 -16.43
CA THR A 190 5.23 -20.10 -15.84
C THR A 190 6.26 -20.57 -16.85
N PHE A 191 7.31 -19.75 -17.05
CA PHE A 191 8.39 -20.08 -17.96
C PHE A 191 9.72 -19.86 -17.24
N LYS A 192 10.54 -20.92 -17.20
CA LYS A 192 11.87 -20.85 -16.58
C LYS A 192 11.79 -20.29 -15.16
N ASP A 193 10.91 -20.87 -14.36
CA ASP A 193 10.75 -20.52 -12.95
C ASP A 193 10.31 -19.07 -12.76
N LEU A 194 9.66 -18.48 -13.77
CA LEU A 194 9.14 -17.13 -13.68
C LEU A 194 7.66 -17.15 -14.04
N HIS A 195 6.83 -16.59 -13.16
CA HIS A 195 5.39 -16.59 -13.35
C HIS A 195 4.99 -15.35 -14.15
N PHE A 196 4.37 -15.59 -15.31
CA PHE A 196 3.95 -14.51 -16.19
C PHE A 196 2.44 -14.33 -16.12
N LYS A 197 2.02 -13.07 -15.94
CA LYS A 197 0.60 -12.71 -15.93
C LYS A 197 0.31 -11.86 -17.15
N MET A 198 -0.65 -12.30 -17.97
CA MET A 198 -1.04 -11.60 -19.17
C MET A 198 -2.49 -11.19 -19.08
N PHE A 199 -2.78 -9.95 -19.47
CA PHE A 199 -4.12 -9.37 -19.35
C PHE A 199 -4.68 -9.11 -20.73
N ASP A 200 -5.92 -9.51 -20.96
CA ASP A 200 -6.61 -9.30 -22.22
C ASP A 200 -7.62 -8.17 -22.08
N VAL A 201 -7.53 -7.19 -22.97
CA VAL A 201 -8.40 -6.02 -22.94
C VAL A 201 -9.18 -5.84 -24.23
N GLY A 202 -9.02 -6.72 -25.21
CA GLY A 202 -9.73 -6.56 -26.47
C GLY A 202 -11.23 -6.70 -26.30
N ALA A 203 -11.68 -7.63 -25.47
CA ALA A 203 -13.09 -7.88 -25.29
C ALA A 203 -13.83 -6.73 -24.63
N GLN A 204 -13.12 -5.80 -23.98
CA GLN A 204 -13.80 -4.72 -23.26
C GLN A 204 -14.59 -3.84 -24.22
N ARG A 205 -13.99 -3.46 -25.34
CA ARG A 205 -14.61 -2.54 -26.29
C ARG A 205 -15.14 -1.31 -25.56
N SER A 206 -14.21 -0.53 -24.99
CA SER A 206 -14.53 0.68 -24.26
C SER A 206 -13.41 1.70 -24.48
N GLU A 207 -13.71 2.94 -24.14
CA GLU A 207 -12.72 4.01 -24.31
C GLU A 207 -11.51 3.75 -23.43
N ARG A 208 -10.34 3.65 -24.05
CA ARG A 208 -9.12 3.34 -23.30
C ARG A 208 -8.75 4.47 -22.34
N LYS A 209 -9.11 5.71 -22.65
CA LYS A 209 -8.68 6.84 -21.85
C LYS A 209 -9.16 6.76 -20.41
N LYS A 210 -10.21 5.98 -20.14
CA LYS A 210 -10.80 5.91 -18.81
C LYS A 210 -10.29 4.73 -17.98
N TRP A 211 -9.61 3.76 -18.60
CA TRP A 211 -9.11 2.61 -17.87
C TRP A 211 -7.70 2.20 -18.25
N ILE A 212 -7.07 2.86 -19.24
CA ILE A 212 -5.70 2.50 -19.60
C ILE A 212 -4.73 2.82 -18.47
N HIS A 213 -5.03 3.84 -17.66
CA HIS A 213 -4.14 4.19 -16.55
C HIS A 213 -4.02 3.06 -15.53
N CYS A 214 -4.96 2.12 -15.51
CA CYS A 214 -4.88 1.02 -14.54
C CYS A 214 -3.66 0.16 -14.77
N PHE A 215 -3.11 0.16 -16.00
CA PHE A 215 -1.97 -0.67 -16.36
C PHE A 215 -0.64 0.09 -16.29
N GLU A 216 -0.50 1.02 -15.34
CA GLU A 216 0.74 1.76 -15.20
C GLU A 216 1.92 0.83 -14.91
N GLY A 217 1.72 -0.12 -14.01
CA GLY A 217 2.79 -0.96 -13.51
C GLY A 217 3.19 -2.12 -14.39
N VAL A 218 2.58 -2.28 -15.55
CA VAL A 218 2.93 -3.38 -16.44
C VAL A 218 4.39 -3.24 -16.86
N THR A 219 5.16 -4.31 -16.67
CA THR A 219 6.58 -4.27 -17.02
C THR A 219 6.77 -4.09 -18.53
N ALA A 220 5.95 -4.77 -19.32
CA ALA A 220 6.04 -4.67 -20.77
C ALA A 220 4.65 -4.83 -21.37
N ILE A 221 4.49 -4.33 -22.59
CA ILE A 221 3.23 -4.39 -23.32
C ILE A 221 3.47 -5.14 -24.62
N ILE A 222 2.63 -6.13 -24.90
CA ILE A 222 2.72 -6.93 -26.11
C ILE A 222 1.69 -6.43 -27.09
N PHE A 223 2.15 -5.96 -28.25
CA PHE A 223 1.28 -5.47 -29.32
C PHE A 223 1.30 -6.48 -30.45
N CYS A 224 0.12 -6.91 -30.88
CA CYS A 224 -0.04 -7.94 -31.90
C CYS A 224 -0.79 -7.35 -33.09
N VAL A 225 -0.15 -7.34 -34.25
CA VAL A 225 -0.77 -6.88 -35.49
C VAL A 225 -0.45 -7.87 -36.58
N ALA A 226 -1.46 -8.28 -37.35
CA ALA A 226 -1.28 -9.22 -38.44
C ALA A 226 -0.77 -8.49 -39.67
N LEU A 227 0.29 -9.02 -40.27
CA LEU A 227 0.87 -8.40 -41.46
C LEU A 227 -0.08 -8.45 -42.65
N SER A 228 -1.02 -9.39 -42.67
CA SER A 228 -1.98 -9.49 -43.77
C SER A 228 -3.06 -8.43 -43.71
N ASP A 229 -3.18 -7.69 -42.60
CA ASP A 229 -4.22 -6.69 -42.45
C ASP A 229 -4.09 -5.54 -43.46
N TYR A 230 -2.93 -5.40 -44.11
CA TYR A 230 -2.72 -4.27 -45.00
C TYR A 230 -3.66 -4.28 -46.19
N ASP A 231 -4.12 -5.47 -46.62
CA ASP A 231 -4.97 -5.57 -47.79
C ASP A 231 -6.46 -5.64 -47.45
N LEU A 232 -6.82 -5.90 -46.20
CA LEU A 232 -8.21 -5.94 -45.78
C LEU A 232 -8.67 -4.53 -45.41
N VAL A 233 -9.95 -4.26 -45.62
CA VAL A 233 -10.53 -2.96 -45.26
C VAL A 233 -10.90 -2.98 -43.78
N ASN A 241 -6.71 -0.97 -44.95
CA ASN A 241 -7.11 0.07 -44.01
C ASN A 241 -6.90 -0.40 -42.57
N ARG A 242 -6.95 -1.72 -42.37
CA ARG A 242 -6.75 -2.25 -41.03
C ARG A 242 -5.34 -1.98 -40.53
N MET A 243 -4.35 -2.02 -41.43
CA MET A 243 -2.98 -1.72 -41.03
C MET A 243 -2.86 -0.28 -40.54
N HIS A 244 -3.56 0.65 -41.19
CA HIS A 244 -3.54 2.04 -40.74
C HIS A 244 -4.17 2.17 -39.36
N ALA A 245 -5.26 1.43 -39.10
CA ALA A 245 -5.86 1.45 -37.77
C ALA A 245 -4.90 0.89 -36.72
N SER A 246 -4.18 -0.19 -37.07
CA SER A 246 -3.21 -0.75 -36.14
C SER A 246 -2.09 0.25 -35.87
N MET A 247 -1.63 0.95 -36.91
CA MET A 247 -0.60 1.97 -36.72
C MET A 247 -1.10 3.09 -35.82
N LYS A 248 -2.36 3.51 -36.00
CA LYS A 248 -2.92 4.55 -35.15
C LYS A 248 -2.99 4.08 -33.69
N LEU A 249 -3.42 2.85 -33.47
CA LEU A 249 -3.48 2.32 -32.12
C LEU A 249 -2.08 2.25 -31.50
N PHE A 250 -1.10 1.80 -32.27
CA PHE A 250 0.27 1.73 -31.76
C PHE A 250 0.80 3.11 -31.42
N ASP A 251 0.52 4.10 -32.27
CA ASP A 251 0.95 5.46 -31.99
C ASP A 251 0.30 5.99 -30.72
N SER A 252 -1.00 5.74 -30.55
CA SER A 252 -1.69 6.19 -29.35
C SER A 252 -1.11 5.54 -28.10
N ILE A 253 -0.84 4.24 -28.15
CA ILE A 253 -0.34 3.53 -26.98
C ILE A 253 1.08 3.96 -26.66
N CYS A 254 1.94 4.06 -27.68
CA CYS A 254 3.34 4.39 -27.47
C CYS A 254 3.55 5.81 -26.98
N ASN A 255 2.69 6.75 -27.35
CA ASN A 255 2.80 8.14 -26.93
C ASN A 255 1.96 8.45 -25.71
N ASN A 256 1.32 7.44 -25.12
CA ASN A 256 0.50 7.67 -23.95
C ASN A 256 1.35 8.14 -22.77
N LYS A 257 0.83 9.12 -22.03
CA LYS A 257 1.56 9.64 -20.87
C LYS A 257 1.76 8.55 -19.83
N TRP A 258 0.76 7.68 -19.64
CA TRP A 258 0.86 6.66 -18.61
C TRP A 258 1.94 5.63 -18.95
N PHE A 259 2.14 5.34 -20.24
CA PHE A 259 3.10 4.34 -20.69
C PHE A 259 4.43 4.98 -21.09
N THR A 260 4.82 6.08 -20.45
CA THR A 260 6.05 6.75 -20.82
C THR A 260 7.27 5.86 -20.61
N ASP A 261 7.31 5.12 -19.51
CA ASP A 261 8.46 4.30 -19.15
C ASP A 261 8.14 2.81 -19.21
N THR A 262 7.30 2.38 -20.16
CA THR A 262 6.96 0.98 -20.34
C THR A 262 7.35 0.54 -21.74
N SER A 263 8.12 -0.54 -21.83
CA SER A 263 8.53 -1.06 -23.12
C SER A 263 7.36 -1.71 -23.84
N ILE A 264 7.46 -1.81 -25.16
CA ILE A 264 6.43 -2.40 -26.01
C ILE A 264 7.07 -3.52 -26.82
N ILE A 265 6.43 -4.68 -26.83
CA ILE A 265 6.86 -5.82 -27.64
C ILE A 265 5.91 -5.93 -28.82
N LEU A 266 6.43 -5.72 -30.03
CA LEU A 266 5.62 -5.73 -31.24
C LEU A 266 5.76 -7.10 -31.91
N PHE A 267 4.63 -7.78 -32.09
CA PHE A 267 4.59 -9.10 -32.72
C PHE A 267 3.83 -8.97 -34.04
N LEU A 268 4.54 -9.15 -35.15
CA LEU A 268 3.94 -9.07 -36.48
C LEU A 268 3.47 -10.47 -36.86
N ASN A 269 2.18 -10.71 -36.68
CA ASN A 269 1.62 -12.04 -36.85
C ASN A 269 1.36 -12.34 -38.33
N LYS A 270 1.10 -13.63 -38.60
CA LYS A 270 0.72 -14.10 -39.93
C LYS A 270 1.80 -13.76 -40.96
N LYS A 271 3.01 -14.25 -40.69
CA LYS A 271 4.10 -14.10 -41.66
C LYS A 271 3.88 -15.00 -42.87
N ASP A 272 3.37 -16.21 -42.65
CA ASP A 272 3.12 -17.13 -43.75
C ASP A 272 2.08 -16.57 -44.73
N LEU A 273 0.99 -15.99 -44.19
CA LEU A 273 0.01 -15.37 -45.06
C LEU A 273 0.59 -14.16 -45.79
N PHE A 274 1.41 -13.37 -45.10
CA PHE A 274 2.10 -12.25 -45.73
C PHE A 274 2.99 -12.68 -46.87
N GLU A 275 3.63 -13.85 -46.75
CA GLU A 275 4.44 -14.38 -47.84
C GLU A 275 3.65 -14.43 -49.14
N GLU A 276 2.45 -15.03 -49.10
CA GLU A 276 1.63 -15.12 -50.29
C GLU A 276 1.01 -13.80 -50.68
N LYS A 277 0.62 -12.97 -49.70
CA LYS A 277 -0.01 -11.70 -50.01
C LYS A 277 0.94 -10.78 -50.76
N ILE A 278 2.22 -10.79 -50.39
CA ILE A 278 3.21 -10.00 -51.13
C ILE A 278 3.28 -10.49 -52.57
N LYS A 279 3.31 -11.81 -52.77
CA LYS A 279 3.34 -12.36 -54.12
C LYS A 279 2.10 -12.00 -54.92
N LYS A 280 0.96 -11.81 -54.25
CA LYS A 280 -0.29 -11.47 -54.91
C LYS A 280 -0.57 -9.97 -54.93
N SER A 281 -0.60 -9.33 -53.76
CA SER A 281 -0.88 -7.91 -53.65
C SER A 281 0.38 -7.14 -53.30
N PRO A 282 0.63 -5.98 -53.91
CA PRO A 282 1.83 -5.22 -53.58
C PRO A 282 1.70 -4.51 -52.24
N LEU A 283 2.86 -4.25 -51.63
CA LEU A 283 2.88 -3.56 -50.33
C LEU A 283 2.47 -2.11 -50.47
N THR A 284 2.60 -1.52 -51.65
CA THR A 284 2.38 -0.09 -51.83
C THR A 284 0.91 0.31 -51.79
N ILE A 285 -0.02 -0.63 -51.69
CA ILE A 285 -1.44 -0.28 -51.66
C ILE A 285 -1.73 0.67 -50.50
N CYS A 286 -1.27 0.31 -49.31
CA CYS A 286 -1.49 1.12 -48.11
C CYS A 286 -0.36 2.10 -47.83
N TYR A 287 0.76 2.01 -48.55
CA TYR A 287 1.91 2.89 -48.36
C TYR A 287 2.31 3.46 -49.71
N PRO A 288 1.64 4.51 -50.18
CA PRO A 288 2.04 5.11 -51.46
C PRO A 288 3.48 5.56 -51.49
N GLU A 289 4.02 6.03 -50.36
CA GLU A 289 5.41 6.46 -50.32
C GLU A 289 6.39 5.30 -50.46
N TYR A 290 5.93 4.07 -50.23
CA TYR A 290 6.81 2.92 -50.32
C TYR A 290 7.34 2.76 -51.75
N ALA A 291 8.63 2.43 -51.86
CA ALA A 291 9.26 2.23 -53.16
C ALA A 291 10.44 1.28 -52.94
N GLY A 292 10.27 0.02 -53.33
CA GLY A 292 11.32 -0.95 -53.16
C GLY A 292 10.91 -2.28 -53.75
N SER A 293 11.80 -3.26 -53.61
CA SER A 293 11.56 -4.59 -54.16
C SER A 293 10.37 -5.24 -53.46
N ASN A 294 9.56 -5.95 -54.25
CA ASN A 294 8.39 -6.66 -53.74
C ASN A 294 8.80 -8.05 -53.25
N THR A 295 9.51 -8.06 -52.13
CA THR A 295 9.98 -9.28 -51.51
C THR A 295 9.63 -9.26 -50.03
N TYR A 296 9.52 -10.45 -49.44
CA TYR A 296 9.11 -10.53 -48.04
C TYR A 296 10.10 -9.81 -47.13
N GLU A 297 11.39 -9.99 -47.37
CA GLU A 297 12.39 -9.35 -46.51
C GLU A 297 12.24 -7.84 -46.54
N GLU A 298 12.24 -7.24 -47.73
CA GLU A 298 12.17 -5.78 -47.85
C GLU A 298 10.85 -5.24 -47.32
N ALA A 299 9.73 -5.86 -47.67
CA ALA A 299 8.43 -5.38 -47.22
C ALA A 299 8.31 -5.48 -45.69
N ALA A 300 8.76 -6.60 -45.13
CA ALA A 300 8.69 -6.76 -43.68
C ALA A 300 9.59 -5.75 -42.97
N ALA A 301 10.79 -5.53 -43.50
CA ALA A 301 11.66 -4.51 -42.90
C ALA A 301 11.03 -3.14 -42.98
N TYR A 302 10.41 -2.81 -44.12
CA TYR A 302 9.76 -1.51 -44.26
C TYR A 302 8.63 -1.36 -43.25
N ILE A 303 7.83 -2.41 -43.06
CA ILE A 303 6.77 -2.38 -42.06
C ILE A 303 7.36 -2.17 -40.67
N GLN A 304 8.46 -2.85 -40.37
CA GLN A 304 9.09 -2.70 -39.07
C GLN A 304 9.54 -1.28 -38.83
N CYS A 305 10.22 -0.67 -39.81
CA CYS A 305 10.63 0.73 -39.65
C CYS A 305 9.42 1.65 -39.52
N GLN A 306 8.39 1.42 -40.34
CA GLN A 306 7.20 2.26 -40.26
C GLN A 306 6.58 2.22 -38.87
N PHE A 307 6.51 1.04 -38.26
CA PHE A 307 5.99 0.94 -36.91
C PHE A 307 6.94 1.54 -35.87
N GLU A 308 8.25 1.44 -36.09
CA GLU A 308 9.20 1.93 -35.10
C GLU A 308 9.26 3.45 -35.06
N ASP A 309 9.17 4.10 -36.24
CA ASP A 309 9.30 5.55 -36.27
C ASP A 309 8.17 6.26 -35.53
N LEU A 310 7.06 5.57 -35.27
CA LEU A 310 5.96 6.20 -34.54
C LEU A 310 6.31 6.46 -33.08
N ASN A 311 7.42 5.91 -32.59
CA ASN A 311 7.81 6.07 -31.19
C ASN A 311 8.55 7.40 -31.04
N LYS A 312 7.83 8.43 -30.59
CA LYS A 312 8.47 9.72 -30.35
C LYS A 312 9.48 9.63 -29.21
N ARG A 313 9.14 8.92 -28.14
CA ARG A 313 10.03 8.77 -26.98
C ARG A 313 11.03 7.65 -27.27
N LYS A 314 11.95 7.94 -28.18
CA LYS A 314 12.96 6.96 -28.56
C LYS A 314 14.01 6.75 -27.47
N ASP A 315 14.21 7.75 -26.60
CA ASP A 315 15.23 7.63 -25.56
C ASP A 315 14.78 6.70 -24.44
N THR A 316 13.49 6.75 -24.09
CA THR A 316 12.98 5.98 -22.96
C THR A 316 12.43 4.61 -23.40
N LYS A 317 11.61 4.60 -24.44
CA LYS A 317 10.97 3.36 -24.87
C LYS A 317 11.90 2.54 -25.75
N GLU A 318 11.71 1.22 -25.70
CA GLU A 318 12.44 0.29 -26.56
C GLU A 318 11.44 -0.71 -27.12
N ILE A 319 11.36 -0.80 -28.44
CA ILE A 319 10.40 -1.65 -29.12
C ILE A 319 11.13 -2.91 -29.58
N TYR A 320 10.63 -4.07 -29.15
CA TYR A 320 11.21 -5.37 -29.51
C TYR A 320 10.33 -6.02 -30.56
N THR A 321 10.57 -5.65 -31.82
CA THR A 321 9.82 -6.23 -32.92
C THR A 321 10.27 -7.66 -33.17
N HIS A 322 9.32 -8.51 -33.60
CA HIS A 322 9.60 -9.91 -33.83
C HIS A 322 8.67 -10.45 -34.91
N PHE A 323 9.10 -11.51 -35.58
CA PHE A 323 8.32 -12.19 -36.61
C PHE A 323 7.88 -13.54 -36.05
N THR A 324 6.57 -13.83 -36.16
CA THR A 324 6.02 -15.07 -35.64
C THR A 324 4.76 -15.45 -36.40
N CYS A 325 4.73 -16.70 -36.88
CA CYS A 325 3.48 -17.27 -37.41
C CYS A 325 3.04 -18.46 -36.57
N SER A 326 3.87 -19.49 -36.49
CA SER A 326 3.59 -20.68 -35.69
C SER A 326 4.87 -21.18 -35.02
N THR A 327 5.67 -20.26 -34.50
CA THR A 327 6.97 -20.61 -33.94
C THR A 327 6.80 -21.53 -32.73
N ASP A 328 7.66 -22.54 -32.65
CA ASP A 328 7.64 -23.50 -31.55
C ASP A 328 8.73 -23.13 -30.55
N THR A 329 8.31 -22.93 -29.29
CA THR A 329 9.21 -22.57 -28.19
C THR A 329 10.25 -21.54 -28.65
N LYS A 330 9.79 -20.56 -29.42
CA LYS A 330 10.64 -19.48 -29.89
C LYS A 330 10.05 -18.13 -29.52
N ASN A 331 8.71 -18.02 -29.60
CA ASN A 331 8.05 -16.78 -29.22
C ASN A 331 8.17 -16.53 -27.73
N VAL A 332 7.93 -17.57 -26.92
CA VAL A 332 8.03 -17.41 -25.47
C VAL A 332 9.45 -17.09 -25.06
N GLN A 333 10.45 -17.65 -25.76
CA GLN A 333 11.83 -17.27 -25.48
C GLN A 333 12.05 -15.79 -25.74
N PHE A 334 11.52 -15.27 -26.84
CA PHE A 334 11.69 -13.86 -27.16
C PHE A 334 11.02 -12.98 -26.11
N VAL A 335 9.79 -13.32 -25.71
CA VAL A 335 9.09 -12.50 -24.74
C VAL A 335 9.80 -12.55 -23.39
N PHE A 336 10.31 -13.73 -23.02
CA PHE A 336 11.06 -13.85 -21.77
C PHE A 336 12.33 -13.01 -21.82
N ASP A 337 13.04 -13.02 -22.94
CA ASP A 337 14.26 -12.22 -23.06
C ASP A 337 13.93 -10.73 -22.96
N ALA A 338 12.87 -10.29 -23.63
CA ALA A 338 12.48 -8.88 -23.55
C ALA A 338 12.10 -8.49 -22.12
N VAL A 339 11.34 -9.35 -21.43
CA VAL A 339 10.95 -9.06 -20.06
C VAL A 339 12.16 -9.02 -19.15
N THR A 340 13.12 -9.92 -19.35
CA THR A 340 14.35 -9.89 -18.56
C THR A 340 15.16 -8.63 -18.81
N ASP A 341 15.24 -8.18 -20.06
CA ASP A 341 15.93 -6.91 -20.34
C ASP A 341 15.23 -5.74 -19.65
N VAL A 342 13.89 -5.73 -19.69
CA VAL A 342 13.15 -4.68 -19.01
C VAL A 342 13.40 -4.73 -17.50
N ILE A 343 13.47 -5.93 -16.94
CA ILE A 343 13.75 -6.07 -15.51
C ILE A 343 15.14 -5.55 -15.19
N ILE A 344 16.12 -5.84 -16.06
CA ILE A 344 17.47 -5.32 -15.85
C ILE A 344 17.46 -3.80 -15.88
N LYS A 345 16.74 -3.21 -16.85
CA LYS A 345 16.66 -1.76 -16.93
C LYS A 345 16.03 -1.18 -15.67
N ASN A 346 14.94 -1.80 -15.19
CA ASN A 346 14.28 -1.30 -14.00
C ASN A 346 15.19 -1.41 -12.77
N ASN A 347 15.92 -2.52 -12.65
CA ASN A 347 16.83 -2.69 -11.53
C ASN A 347 17.95 -1.65 -11.57
N LEU A 348 18.51 -1.39 -12.75
CA LEU A 348 19.55 -0.39 -12.86
C LEU A 348 19.03 1.00 -12.54
N LYS A 349 17.81 1.31 -12.99
CA LYS A 349 17.20 2.59 -12.64
C LYS A 349 17.00 2.70 -11.13
N ASP A 350 16.55 1.62 -10.50
CA ASP A 350 16.34 1.63 -9.06
C ASP A 350 17.66 1.84 -8.32
N CYS A 351 18.73 1.18 -8.77
CA CYS A 351 20.03 1.33 -8.13
C CYS A 351 20.61 2.72 -8.36
N GLY A 352 20.11 3.46 -9.34
CA GLY A 352 20.57 4.79 -9.63
C GLY A 352 21.49 4.92 -10.83
N LEU A 353 22.03 3.80 -11.33
CA LEU A 353 22.93 3.87 -12.48
C LEU A 353 22.23 4.43 -13.70
N PHE A 354 20.92 4.18 -13.84
CA PHE A 354 20.14 4.73 -14.94
C PHE A 354 19.25 5.86 -14.46
N SER B 6 -40.95 9.68 -40.09
CA SER B 6 -40.51 10.78 -40.99
C SER B 6 -39.04 10.63 -41.37
N GLU B 7 -38.58 11.45 -42.31
CA GLU B 7 -37.20 11.39 -42.75
C GLU B 7 -36.27 11.89 -41.65
N LEU B 8 -35.01 11.45 -41.73
CA LEU B 8 -34.04 11.77 -40.67
C LEU B 8 -33.83 13.27 -40.53
N ASP B 9 -33.76 13.99 -41.66
CA ASP B 9 -33.55 15.43 -41.61
C ASP B 9 -34.70 16.14 -40.89
N GLN B 10 -35.94 15.70 -41.11
CA GLN B 10 -37.06 16.30 -40.40
C GLN B 10 -36.95 16.06 -38.89
N LEU B 11 -36.54 14.85 -38.50
CA LEU B 11 -36.35 14.57 -37.09
C LEU B 11 -35.24 15.45 -36.50
N ARG B 12 -34.17 15.66 -37.27
CA ARG B 12 -33.11 16.55 -36.80
C ARG B 12 -33.60 17.98 -36.65
N GLN B 13 -34.43 18.45 -37.58
CA GLN B 13 -35.02 19.77 -37.44
C GLN B 13 -35.88 19.87 -36.18
N GLU B 14 -36.68 18.84 -35.93
CA GLU B 14 -37.50 18.82 -34.72
C GLU B 14 -36.63 18.84 -33.47
N ALA B 15 -35.55 18.05 -33.46
CA ALA B 15 -34.65 18.04 -32.32
C ALA B 15 -34.01 19.41 -32.10
N GLU B 16 -33.61 20.07 -33.19
CA GLU B 16 -33.02 21.40 -33.08
C GLU B 16 -34.04 22.41 -32.53
N GLN B 17 -35.30 22.31 -32.98
CA GLN B 17 -36.32 23.23 -32.49
C GLN B 17 -36.58 23.00 -31.00
N LEU B 18 -36.64 21.74 -30.58
CA LEU B 18 -36.77 21.44 -29.15
C LEU B 18 -35.56 21.94 -28.37
N LYS B 19 -34.36 21.82 -28.94
CA LYS B 19 -33.18 22.34 -28.25
C LYS B 19 -33.25 23.85 -28.10
N ASN B 20 -33.72 24.55 -29.13
CA ASN B 20 -33.89 26.01 -29.02
C ASN B 20 -34.94 26.36 -27.98
N GLN B 21 -36.02 25.59 -27.91
CA GLN B 21 -37.02 25.81 -26.86
C GLN B 21 -36.43 25.59 -25.48
N ILE B 22 -35.59 24.57 -25.33
CA ILE B 22 -34.93 24.33 -24.05
C ILE B 22 -34.02 25.50 -23.70
N ARG B 23 -33.30 26.02 -24.69
CA ARG B 23 -32.45 27.19 -24.44
C ARG B 23 -33.28 28.38 -23.98
N ASP B 24 -34.41 28.63 -24.65
CA ASP B 24 -35.27 29.74 -24.27
C ASP B 24 -35.79 29.57 -22.85
N ALA B 25 -36.21 28.35 -22.50
CA ALA B 25 -36.68 28.10 -21.14
C ALA B 25 -35.56 28.30 -20.13
N ARG B 26 -34.35 27.84 -20.44
CA ARG B 26 -33.23 27.99 -19.52
C ARG B 26 -32.91 29.46 -19.28
N LYS B 27 -32.87 30.25 -20.35
CA LYS B 27 -32.55 31.67 -20.19
C LYS B 27 -33.64 32.42 -19.44
N ALA B 28 -34.89 32.00 -19.60
CA ALA B 28 -35.99 32.67 -18.93
C ALA B 28 -35.85 32.60 -17.41
N CYS B 29 -35.32 31.50 -16.89
CA CYS B 29 -35.18 31.30 -15.46
C CYS B 29 -33.88 31.87 -14.89
N ALA B 30 -33.03 32.44 -15.74
CA ALA B 30 -31.76 32.99 -15.28
C ALA B 30 -31.96 34.35 -14.63
N ASP B 31 -32.68 34.40 -13.50
CA ASP B 31 -32.92 35.66 -12.83
C ASP B 31 -31.62 36.30 -12.35
N ALA B 32 -30.74 35.52 -11.73
CA ALA B 32 -29.49 36.05 -11.20
C ALA B 32 -28.50 34.91 -11.03
N THR B 33 -27.23 35.28 -10.90
CA THR B 33 -26.16 34.33 -10.66
C THR B 33 -25.98 34.09 -9.17
N LEU B 34 -25.39 32.95 -8.83
CA LEU B 34 -25.20 32.61 -7.42
C LEU B 34 -24.25 33.57 -6.72
N SER B 35 -23.32 34.16 -7.45
CA SER B 35 -22.30 35.00 -6.83
C SER B 35 -22.93 36.23 -6.17
N GLN B 36 -23.75 36.98 -6.91
CA GLN B 36 -24.27 38.23 -6.38
C GLN B 36 -25.27 37.99 -5.25
N ILE B 37 -25.95 36.84 -5.23
CA ILE B 37 -26.90 36.57 -4.17
C ILE B 37 -26.17 36.04 -2.93
N THR B 38 -25.12 35.24 -3.13
CA THR B 38 -24.33 34.73 -2.00
C THR B 38 -23.36 35.76 -1.46
N ASN B 39 -23.17 36.89 -2.14
CA ASN B 39 -22.30 37.93 -1.62
C ASN B 39 -22.74 38.44 -0.25
N ASN B 40 -24.02 38.26 0.09
CA ASN B 40 -24.53 38.78 1.35
C ASN B 40 -24.08 37.98 2.57
N ILE B 41 -23.61 36.74 2.37
CA ILE B 41 -23.19 35.89 3.47
C ILE B 41 -21.69 36.08 3.70
N ASP B 42 -21.27 35.85 4.95
CA ASP B 42 -19.87 36.04 5.30
C ASP B 42 -19.01 34.93 4.69
N PRO B 43 -17.82 35.24 4.21
CA PRO B 43 -16.93 34.19 3.71
C PRO B 43 -16.66 33.14 4.79
N VAL B 44 -16.56 31.88 4.35
CA VAL B 44 -16.26 30.80 5.29
C VAL B 44 -14.90 31.02 5.94
N GLY B 45 -13.94 31.55 5.18
CA GLY B 45 -12.61 31.77 5.71
C GLY B 45 -11.71 30.56 5.55
N ARG B 46 -10.47 30.73 5.98
CA ARG B 46 -9.48 29.65 5.87
C ARG B 46 -9.95 28.45 6.68
N ILE B 47 -9.85 27.26 6.08
CA ILE B 47 -10.22 26.01 6.71
C ILE B 47 -8.95 25.17 6.83
N GLN B 48 -8.52 24.89 8.05
CA GLN B 48 -7.32 24.11 8.30
C GLN B 48 -7.71 22.71 8.76
N MET B 49 -7.16 21.69 8.10
CA MET B 49 -7.42 20.31 8.43
C MET B 49 -6.09 19.58 8.66
N ARG B 50 -6.12 18.60 9.56
CA ARG B 50 -4.93 17.82 9.90
C ARG B 50 -5.23 16.34 9.74
N THR B 51 -4.18 15.57 9.49
CA THR B 51 -4.30 14.12 9.26
C THR B 51 -4.28 13.42 10.61
N ARG B 52 -5.45 13.32 11.24
CA ARG B 52 -5.54 12.65 12.54
C ARG B 52 -5.12 11.19 12.44
N ARG B 53 -5.61 10.49 11.41
CA ARG B 53 -5.31 9.08 11.21
C ARG B 53 -4.82 8.85 9.79
N THR B 54 -3.80 8.00 9.66
CA THR B 54 -3.26 7.61 8.36
C THR B 54 -3.29 6.09 8.27
N LEU B 55 -3.77 5.57 7.16
CA LEU B 55 -3.94 4.14 6.94
C LEU B 55 -2.93 3.68 5.90
N ARG B 56 -2.13 2.67 6.25
CA ARG B 56 -1.08 2.16 5.37
C ARG B 56 -1.26 0.69 5.04
N GLY B 57 -2.47 0.15 5.26
CA GLY B 57 -2.69 -1.26 5.00
C GLY B 57 -2.54 -1.62 3.54
N HIS B 58 -3.07 -0.79 2.65
CA HIS B 58 -3.02 -1.09 1.22
C HIS B 58 -1.60 -1.01 0.70
N LEU B 59 -1.31 -1.85 -0.31
CA LEU B 59 0.01 -1.89 -0.93
C LEU B 59 -0.01 -1.44 -2.39
N ALA B 60 -1.17 -1.21 -2.98
CA ALA B 60 -1.29 -0.74 -4.35
C ALA B 60 -2.06 0.58 -4.36
N LYS B 61 -2.36 1.06 -5.56
CA LYS B 61 -3.04 2.35 -5.71
C LYS B 61 -4.50 2.24 -5.28
N ILE B 62 -4.94 3.18 -4.45
CA ILE B 62 -6.33 3.23 -4.01
C ILE B 62 -7.14 4.00 -5.04
N TYR B 63 -8.36 3.55 -5.30
CA TYR B 63 -9.20 4.13 -6.35
C TYR B 63 -10.60 4.52 -5.90
N ALA B 64 -11.18 3.82 -4.93
CA ALA B 64 -12.52 4.15 -4.46
C ALA B 64 -12.64 3.83 -2.97
N MET B 65 -13.53 4.56 -2.30
CA MET B 65 -13.84 4.32 -0.90
C MET B 65 -15.20 4.90 -0.60
N HIS B 66 -15.81 4.41 0.48
CA HIS B 66 -17.14 4.86 0.87
C HIS B 66 -17.26 4.79 2.39
N TRP B 67 -17.94 5.77 2.96
CA TRP B 67 -18.16 5.83 4.40
C TRP B 67 -19.45 5.10 4.76
N GLY B 68 -19.45 4.50 5.95
CA GLY B 68 -20.62 3.81 6.45
C GLY B 68 -21.61 4.75 7.11
N THR B 69 -22.82 4.23 7.36
CA THR B 69 -23.84 5.03 8.01
C THR B 69 -23.45 5.38 9.45
N ASP B 70 -22.77 4.46 10.14
CA ASP B 70 -22.35 4.70 11.52
C ASP B 70 -21.25 5.75 11.63
N SER B 71 -20.66 6.18 10.52
CA SER B 71 -19.57 7.15 10.52
C SER B 71 -18.33 6.63 11.23
N ARG B 72 -18.20 5.31 11.35
CA ARG B 72 -17.05 4.66 11.98
C ARG B 72 -16.28 3.79 11.02
N LEU B 73 -16.97 2.93 10.27
CA LEU B 73 -16.33 1.98 9.36
C LEU B 73 -16.40 2.50 7.93
N LEU B 74 -15.30 2.30 7.19
CA LEU B 74 -15.23 2.66 5.79
C LEU B 74 -14.61 1.51 5.00
N VAL B 75 -14.97 1.44 3.72
CA VAL B 75 -14.48 0.39 2.83
C VAL B 75 -13.64 1.06 1.74
N SER B 76 -12.48 0.49 1.47
CA SER B 76 -11.55 1.02 0.47
C SER B 76 -11.21 -0.06 -0.54
N ALA B 77 -11.00 0.36 -1.78
CA ALA B 77 -10.70 -0.54 -2.89
C ALA B 77 -9.40 -0.14 -3.56
N SER B 78 -8.63 -1.14 -3.99
CA SER B 78 -7.36 -0.90 -4.65
C SER B 78 -7.07 -2.05 -5.61
N GLN B 79 -6.16 -1.79 -6.55
CA GLN B 79 -5.84 -2.78 -7.57
C GLN B 79 -5.06 -3.98 -7.03
N ASP B 80 -4.59 -3.94 -5.78
CA ASP B 80 -3.96 -5.13 -5.22
C ASP B 80 -4.96 -6.27 -5.08
N GLY B 81 -6.26 -6.00 -5.18
CA GLY B 81 -7.26 -7.04 -5.09
C GLY B 81 -7.77 -7.30 -3.70
N LYS B 82 -7.78 -6.29 -2.84
CA LYS B 82 -8.21 -6.46 -1.45
C LYS B 82 -9.15 -5.33 -1.07
N LEU B 83 -10.25 -5.68 -0.41
CA LEU B 83 -11.14 -4.71 0.22
C LEU B 83 -10.94 -4.76 1.73
N ILE B 84 -10.64 -3.62 2.33
CA ILE B 84 -10.32 -3.52 3.74
C ILE B 84 -11.35 -2.63 4.41
N ILE B 85 -12.01 -3.16 5.45
CA ILE B 85 -12.94 -2.39 6.25
C ILE B 85 -12.13 -1.74 7.38
N TRP B 86 -12.01 -0.42 7.34
CA TRP B 86 -11.14 0.31 8.25
C TRP B 86 -11.95 0.86 9.42
N ASP B 87 -11.42 0.66 10.63
CA ASP B 87 -11.98 1.29 11.83
C ASP B 87 -11.28 2.63 11.98
N SER B 88 -12.00 3.71 11.64
CA SER B 88 -11.36 5.02 11.57
C SER B 88 -10.80 5.46 12.92
N TYR B 89 -11.55 5.23 14.00
CA TYR B 89 -11.10 5.69 15.31
C TYR B 89 -9.80 5.00 15.73
N THR B 90 -9.69 3.69 15.50
CA THR B 90 -8.57 2.91 16.00
C THR B 90 -7.70 2.32 14.88
N THR B 91 -8.06 2.55 13.61
CA THR B 91 -7.28 2.12 12.46
C THR B 91 -7.20 0.59 12.34
N ASN B 92 -8.02 -0.15 13.07
CA ASN B 92 -7.98 -1.60 13.00
C ASN B 92 -8.61 -2.10 11.70
N LYS B 93 -8.09 -3.21 11.19
CA LYS B 93 -8.61 -3.83 9.98
C LYS B 93 -9.68 -4.84 10.39
N VAL B 94 -10.95 -4.47 10.21
CA VAL B 94 -12.04 -5.35 10.59
C VAL B 94 -12.09 -6.57 9.69
N HIS B 95 -11.88 -6.38 8.39
CA HIS B 95 -11.95 -7.48 7.44
C HIS B 95 -10.99 -7.21 6.28
N ALA B 96 -10.64 -8.27 5.57
CA ALA B 96 -9.79 -8.19 4.38
C ALA B 96 -10.34 -9.17 3.35
N ILE B 97 -11.02 -8.65 2.33
CA ILE B 97 -11.70 -9.47 1.33
C ILE B 97 -10.72 -9.75 0.20
N PRO B 98 -10.36 -11.01 -0.07
CA PRO B 98 -9.56 -11.32 -1.26
C PRO B 98 -10.41 -11.31 -2.51
N LEU B 99 -10.25 -10.26 -3.32
CA LEU B 99 -11.08 -10.12 -4.50
C LEU B 99 -10.68 -11.12 -5.58
N ARG B 100 -11.67 -11.70 -6.25
CA ARG B 100 -11.39 -12.63 -7.33
C ARG B 100 -10.69 -11.92 -8.48
N SER B 101 -11.13 -10.71 -8.81
CA SER B 101 -10.52 -9.89 -9.85
C SER B 101 -9.83 -8.70 -9.19
N SER B 102 -8.54 -8.53 -9.47
CA SER B 102 -7.76 -7.47 -8.87
C SER B 102 -8.01 -6.11 -9.50
N TRP B 103 -8.63 -6.06 -10.68
CA TRP B 103 -8.89 -4.80 -11.38
C TRP B 103 -10.20 -4.23 -10.87
N VAL B 104 -10.10 -3.52 -9.73
CA VAL B 104 -11.25 -2.92 -9.07
C VAL B 104 -11.02 -1.41 -8.98
N MET B 105 -12.01 -0.63 -9.42
CA MET B 105 -11.94 0.82 -9.35
C MET B 105 -13.18 1.43 -8.70
N THR B 106 -14.02 0.62 -8.05
CA THR B 106 -15.17 1.15 -7.34
C THR B 106 -15.55 0.22 -6.20
N CYS B 107 -16.24 0.78 -5.21
CA CYS B 107 -16.74 0.01 -4.08
C CYS B 107 -17.86 0.81 -3.40
N ALA B 108 -18.66 0.13 -2.60
CA ALA B 108 -19.75 0.77 -1.89
C ALA B 108 -19.99 0.04 -0.58
N TYR B 109 -20.63 0.75 0.35
CA TYR B 109 -20.98 0.22 1.66
C TYR B 109 -22.48 0.30 1.83
N ALA B 110 -23.09 -0.82 2.23
CA ALA B 110 -24.54 -0.85 2.41
C ALA B 110 -24.94 0.06 3.56
N PRO B 111 -26.13 0.68 3.49
CA PRO B 111 -26.55 1.56 4.58
C PRO B 111 -26.63 0.85 5.93
N SER B 112 -27.02 -0.42 5.95
CA SER B 112 -27.08 -1.19 7.18
C SER B 112 -25.74 -1.82 7.54
N GLY B 113 -24.75 -1.78 6.64
CA GLY B 113 -23.46 -2.37 6.91
C GLY B 113 -23.38 -3.88 6.73
N ASN B 114 -24.46 -4.51 6.29
CA ASN B 114 -24.45 -5.96 6.11
C ASN B 114 -23.72 -6.39 4.85
N TYR B 115 -23.74 -5.56 3.80
CA TYR B 115 -23.21 -5.93 2.50
C TYR B 115 -22.30 -4.84 1.98
N VAL B 116 -21.42 -5.23 1.05
CA VAL B 116 -20.54 -4.31 0.34
C VAL B 116 -20.58 -4.66 -1.14
N ALA B 117 -20.12 -3.72 -1.96
CA ALA B 117 -20.13 -3.87 -3.41
C ALA B 117 -18.73 -3.69 -3.96
N CYS B 118 -18.49 -4.32 -5.11
CA CYS B 118 -17.21 -4.23 -5.79
C CYS B 118 -17.43 -4.26 -7.30
N GLY B 119 -16.49 -3.70 -8.03
CA GLY B 119 -16.57 -3.68 -9.48
C GLY B 119 -15.39 -2.94 -10.07
N GLY B 120 -15.23 -3.11 -11.37
CA GLY B 120 -14.13 -2.46 -12.08
C GLY B 120 -14.03 -2.88 -13.52
N LEU B 121 -12.82 -3.23 -13.97
CA LEU B 121 -12.63 -3.63 -15.36
C LEU B 121 -13.50 -4.84 -15.71
N ASP B 122 -13.55 -5.82 -14.81
CA ASP B 122 -14.41 -6.98 -15.02
C ASP B 122 -15.87 -6.56 -14.85
N ASN B 123 -16.72 -6.99 -15.79
CA ASN B 123 -18.10 -6.54 -15.81
C ASN B 123 -18.93 -7.12 -14.67
N ILE B 124 -18.45 -8.16 -14.00
CA ILE B 124 -19.22 -8.80 -12.94
C ILE B 124 -19.15 -7.93 -11.69
N CYS B 125 -20.29 -7.82 -10.99
CA CYS B 125 -20.38 -7.11 -9.73
C CYS B 125 -20.46 -8.12 -8.60
N SER B 126 -19.64 -7.94 -7.57
CA SER B 126 -19.54 -8.87 -6.45
C SER B 126 -20.12 -8.22 -5.19
N ILE B 127 -21.00 -8.95 -4.51
CA ILE B 127 -21.60 -8.51 -3.26
C ILE B 127 -21.17 -9.49 -2.17
N TYR B 128 -20.62 -8.96 -1.08
CA TYR B 128 -20.08 -9.78 0.00
C TYR B 128 -20.90 -9.60 1.27
N ASN B 129 -21.04 -10.70 2.00
CA ASN B 129 -21.81 -10.72 3.25
C ASN B 129 -20.84 -10.55 4.42
N LEU B 130 -20.90 -9.39 5.08
CA LEU B 130 -20.01 -9.11 6.20
C LEU B 130 -20.45 -9.82 7.47
N LYS B 131 -21.73 -10.10 7.63
CA LYS B 131 -22.28 -10.64 8.87
C LYS B 131 -22.72 -12.11 8.72
N THR B 132 -21.93 -12.89 7.99
CA THR B 132 -22.25 -14.30 7.83
C THR B 132 -21.97 -15.07 9.12
N ARG B 133 -22.70 -16.17 9.30
CA ARG B 133 -22.53 -16.98 10.51
C ARG B 133 -21.15 -17.59 10.59
N GLU B 134 -20.63 -18.08 9.46
CA GLU B 134 -19.33 -18.73 9.46
C GLU B 134 -18.21 -17.80 9.90
N GLY B 135 -18.40 -16.49 9.80
CA GLY B 135 -17.40 -15.53 10.20
C GLY B 135 -16.38 -15.19 9.13
N ASN B 136 -16.43 -15.85 7.97
CA ASN B 136 -15.53 -15.56 6.86
C ASN B 136 -16.35 -14.96 5.72
N VAL B 137 -15.93 -13.78 5.26
CA VAL B 137 -16.68 -13.08 4.23
C VAL B 137 -16.58 -13.85 2.93
N ARG B 138 -17.72 -14.04 2.25
CA ARG B 138 -17.78 -14.77 1.00
C ARG B 138 -18.72 -14.05 0.03
N VAL B 139 -18.59 -14.39 -1.24
CA VAL B 139 -19.39 -13.76 -2.28
C VAL B 139 -20.83 -14.25 -2.16
N SER B 140 -21.78 -13.32 -2.22
CA SER B 140 -23.19 -13.65 -2.18
C SER B 140 -23.75 -13.85 -3.59
N ARG B 141 -23.56 -12.86 -4.47
CA ARG B 141 -24.04 -12.93 -5.84
C ARG B 141 -23.00 -12.35 -6.77
N GLU B 142 -23.08 -12.77 -8.04
CA GLU B 142 -22.22 -12.26 -9.11
C GLU B 142 -23.12 -11.73 -10.22
N LEU B 143 -23.28 -10.42 -10.28
CA LEU B 143 -24.13 -9.78 -11.29
C LEU B 143 -23.29 -9.54 -12.53
N ALA B 144 -23.49 -10.38 -13.55
CA ALA B 144 -22.70 -10.33 -14.78
C ALA B 144 -23.53 -9.92 -15.99
N GLY B 145 -24.65 -9.21 -15.76
CA GLY B 145 -25.48 -8.79 -16.87
C GLY B 145 -24.91 -7.64 -17.68
N HIS B 146 -24.00 -6.87 -17.10
CA HIS B 146 -23.39 -5.76 -17.81
C HIS B 146 -22.38 -6.25 -18.84
N THR B 147 -22.19 -5.44 -19.88
CA THR B 147 -21.23 -5.76 -20.94
C THR B 147 -19.95 -4.95 -20.86
N GLY B 148 -20.01 -3.71 -20.39
CA GLY B 148 -18.84 -2.89 -20.23
C GLY B 148 -18.26 -2.97 -18.82
N TYR B 149 -17.13 -2.30 -18.65
CA TYR B 149 -16.46 -2.28 -17.36
C TYR B 149 -17.29 -1.50 -16.34
N LEU B 150 -17.41 -2.06 -15.13
CA LEU B 150 -18.15 -1.38 -14.08
C LEU B 150 -17.40 -0.13 -13.63
N SER B 151 -18.14 0.95 -13.44
CA SER B 151 -17.56 2.24 -13.08
C SER B 151 -17.89 2.68 -11.66
N CYS B 152 -19.15 2.53 -11.23
CA CYS B 152 -19.52 2.91 -9.88
C CYS B 152 -20.67 2.04 -9.39
N CYS B 153 -20.81 1.97 -8.08
CA CYS B 153 -21.87 1.19 -7.44
C CYS B 153 -22.34 1.93 -6.19
N ARG B 154 -23.64 1.87 -5.93
CA ARG B 154 -24.22 2.50 -4.76
C ARG B 154 -25.40 1.67 -4.28
N PHE B 155 -25.51 1.50 -2.97
CA PHE B 155 -26.56 0.68 -2.37
C PHE B 155 -27.80 1.53 -2.13
N LEU B 156 -28.92 1.10 -2.71
CA LEU B 156 -30.21 1.72 -2.40
C LEU B 156 -30.87 1.11 -1.18
N ASP B 157 -30.63 -0.17 -0.92
CA ASP B 157 -31.17 -0.86 0.24
C ASP B 157 -30.44 -2.20 0.35
N ASP B 158 -30.87 -3.03 1.30
CA ASP B 158 -30.26 -4.34 1.48
C ASP B 158 -30.60 -5.30 0.36
N ASN B 159 -31.56 -4.97 -0.51
CA ASN B 159 -31.98 -5.85 -1.59
C ASN B 159 -31.84 -5.22 -2.97
N GLN B 160 -31.60 -3.92 -3.07
CA GLN B 160 -31.50 -3.22 -4.35
C GLN B 160 -30.19 -2.47 -4.42
N ILE B 161 -29.52 -2.56 -5.56
CA ILE B 161 -28.26 -1.87 -5.81
C ILE B 161 -28.28 -1.33 -7.23
N VAL B 162 -27.78 -0.11 -7.41
CA VAL B 162 -27.71 0.54 -8.71
C VAL B 162 -26.23 0.75 -9.05
N THR B 163 -25.84 0.30 -10.24
CA THR B 163 -24.46 0.39 -10.69
C THR B 163 -24.41 0.93 -12.10
N SER B 164 -23.36 1.72 -12.39
CA SER B 164 -23.13 2.29 -13.71
C SER B 164 -21.93 1.61 -14.33
N SER B 165 -22.10 1.13 -15.57
CA SER B 165 -21.06 0.40 -16.28
C SER B 165 -20.36 1.31 -17.28
N GLY B 166 -19.30 0.76 -17.89
CA GLY B 166 -18.54 1.49 -18.89
C GLY B 166 -19.23 1.59 -20.23
N ASP B 167 -20.29 0.82 -20.45
CA ASP B 167 -21.05 0.90 -21.68
C ASP B 167 -22.00 2.09 -21.59
N THR B 168 -22.93 2.20 -22.54
CA THR B 168 -23.89 3.30 -22.56
C THR B 168 -25.10 3.04 -21.67
N THR B 169 -25.17 1.89 -21.00
CA THR B 169 -26.34 1.50 -20.24
C THR B 169 -26.02 1.47 -18.75
N CYS B 170 -26.95 2.00 -17.94
CA CYS B 170 -26.90 1.92 -16.49
C CYS B 170 -28.04 1.01 -16.03
N ALA B 171 -27.75 0.14 -15.07
CA ALA B 171 -28.68 -0.91 -14.68
C ALA B 171 -28.96 -0.85 -13.18
N LEU B 172 -30.20 -1.19 -12.84
CA LEU B 172 -30.63 -1.37 -11.45
C LEU B 172 -30.80 -2.86 -11.20
N TRP B 173 -30.20 -3.35 -10.12
CA TRP B 173 -30.14 -4.77 -9.85
C TRP B 173 -30.94 -5.12 -8.59
N ASP B 174 -31.43 -6.36 -8.55
CA ASP B 174 -32.13 -6.90 -7.40
C ASP B 174 -31.29 -8.01 -6.78
N ILE B 175 -30.97 -7.86 -5.49
CA ILE B 175 -30.15 -8.86 -4.82
C ILE B 175 -30.89 -10.18 -4.69
N GLU B 176 -32.20 -10.12 -4.45
CA GLU B 176 -32.97 -11.35 -4.24
C GLU B 176 -32.92 -12.25 -5.48
N THR B 177 -33.08 -11.65 -6.66
CA THR B 177 -33.12 -12.42 -7.91
C THR B 177 -31.86 -12.27 -8.75
N GLY B 178 -31.07 -11.23 -8.54
CA GLY B 178 -29.86 -11.03 -9.32
C GLY B 178 -30.13 -10.76 -10.79
N GLN B 179 -31.12 -9.93 -11.10
CA GLN B 179 -31.45 -9.60 -12.48
C GLN B 179 -31.67 -8.09 -12.58
N GLN B 180 -31.50 -7.57 -13.79
CA GLN B 180 -31.65 -6.14 -14.05
C GLN B 180 -33.13 -5.80 -14.07
N THR B 181 -33.63 -5.26 -12.95
CA THR B 181 -35.03 -4.86 -12.90
C THR B 181 -35.31 -3.71 -13.85
N THR B 182 -34.42 -2.72 -13.90
CA THR B 182 -34.58 -1.57 -14.78
C THR B 182 -33.23 -1.22 -15.38
N THR B 183 -33.24 -0.91 -16.68
CA THR B 183 -32.03 -0.54 -17.41
C THR B 183 -32.20 0.87 -17.97
N PHE B 184 -31.20 1.71 -17.74
CA PHE B 184 -31.20 3.09 -18.24
C PHE B 184 -30.22 3.18 -19.41
N THR B 185 -30.71 3.66 -20.56
CA THR B 185 -29.91 3.74 -21.77
C THR B 185 -29.84 5.16 -22.32
N GLY B 186 -30.15 6.17 -21.50
CA GLY B 186 -30.15 7.54 -21.99
C GLY B 186 -28.79 8.04 -22.38
N HIS B 187 -27.76 7.74 -21.59
CA HIS B 187 -26.42 8.25 -21.86
C HIS B 187 -25.87 7.68 -23.17
N THR B 188 -25.15 8.51 -23.90
CA THR B 188 -24.54 8.09 -25.17
C THR B 188 -23.11 7.61 -25.00
N GLY B 189 -22.36 8.18 -24.04
CA GLY B 189 -20.99 7.81 -23.81
C GLY B 189 -20.81 7.00 -22.55
N ASP B 190 -19.55 6.86 -22.13
CA ASP B 190 -19.24 6.10 -20.93
C ASP B 190 -19.79 6.81 -19.70
N VAL B 191 -20.35 6.03 -18.77
CA VAL B 191 -20.87 6.54 -17.51
C VAL B 191 -19.82 6.28 -16.44
N MET B 192 -19.41 7.35 -15.74
CA MET B 192 -18.30 7.28 -14.80
C MET B 192 -18.76 7.03 -13.36
N SER B 193 -19.58 7.91 -12.81
CA SER B 193 -19.91 7.86 -11.40
C SER B 193 -21.41 8.09 -11.20
N LEU B 194 -21.90 7.62 -10.06
CA LEU B 194 -23.29 7.77 -9.65
C LEU B 194 -23.35 8.46 -8.30
N SER B 195 -24.57 8.83 -7.90
CA SER B 195 -24.78 9.46 -6.60
C SER B 195 -26.26 9.34 -6.24
N LEU B 196 -26.54 8.65 -5.14
CA LEU B 196 -27.91 8.46 -4.69
C LEU B 196 -28.38 9.66 -3.86
N ALA B 197 -29.64 10.03 -4.05
CA ALA B 197 -30.22 11.11 -3.29
C ALA B 197 -30.48 10.67 -1.85
N PRO B 198 -30.57 11.61 -0.91
CA PRO B 198 -30.87 11.23 0.47
C PRO B 198 -32.16 10.44 0.62
N ASP B 199 -33.18 10.76 -0.17
CA ASP B 199 -34.45 10.05 -0.11
C ASP B 199 -34.41 8.71 -0.84
N THR B 200 -33.33 8.41 -1.55
CA THR B 200 -33.17 7.13 -2.25
C THR B 200 -34.30 6.93 -3.26
N ARG B 201 -34.69 8.00 -3.94
CA ARG B 201 -35.70 7.94 -4.99
C ARG B 201 -35.19 8.36 -6.36
N LEU B 202 -34.19 9.24 -6.43
CA LEU B 202 -33.62 9.70 -7.69
C LEU B 202 -32.10 9.68 -7.57
N PHE B 203 -31.44 9.55 -8.72
CA PHE B 203 -29.98 9.54 -8.74
C PHE B 203 -29.50 10.15 -10.05
N VAL B 204 -28.38 10.86 -9.96
CA VAL B 204 -27.75 11.50 -11.12
C VAL B 204 -26.55 10.67 -11.54
N SER B 205 -26.30 10.62 -12.85
CA SER B 205 -25.20 9.84 -13.42
C SER B 205 -24.36 10.75 -14.31
N GLY B 206 -23.06 10.77 -14.06
CA GLY B 206 -22.14 11.52 -14.90
C GLY B 206 -21.56 10.64 -15.99
N ALA B 207 -21.40 11.21 -17.18
CA ALA B 207 -20.96 10.48 -18.35
C ALA B 207 -19.83 11.23 -19.03
N CYS B 208 -19.05 10.49 -19.82
CA CYS B 208 -17.90 11.06 -20.51
C CYS B 208 -18.28 12.01 -21.64
N ASP B 209 -19.55 12.06 -22.03
CA ASP B 209 -20.01 12.95 -23.09
C ASP B 209 -20.39 14.33 -22.56
N ALA B 210 -19.88 14.71 -21.39
CA ALA B 210 -20.15 16.02 -20.80
C ALA B 210 -21.64 16.24 -20.59
N SER B 211 -22.37 15.18 -20.24
CA SER B 211 -23.80 15.25 -20.01
C SER B 211 -24.12 14.62 -18.66
N ALA B 212 -24.89 15.35 -17.85
CA ALA B 212 -25.37 14.85 -16.56
C ALA B 212 -26.89 14.70 -16.64
N LYS B 213 -27.38 13.51 -16.37
CA LYS B 213 -28.79 13.18 -16.50
C LYS B 213 -29.33 12.64 -15.19
N LEU B 214 -30.55 13.06 -14.84
CA LEU B 214 -31.21 12.59 -13.63
C LEU B 214 -32.13 11.43 -13.97
N TRP B 215 -32.04 10.36 -13.20
CA TRP B 215 -32.79 9.14 -13.45
C TRP B 215 -33.76 8.88 -12.30
N ASP B 216 -34.89 8.26 -12.64
CA ASP B 216 -35.88 7.85 -11.66
C ASP B 216 -35.73 6.36 -11.37
N VAL B 217 -35.53 6.02 -10.10
CA VAL B 217 -35.29 4.64 -9.73
C VAL B 217 -36.51 3.78 -10.05
N ARG B 218 -37.70 4.26 -9.71
CA ARG B 218 -38.93 3.51 -9.94
C ARG B 218 -39.45 3.68 -11.36
N GLU B 219 -39.63 4.93 -11.80
CA GLU B 219 -40.16 5.17 -13.14
C GLU B 219 -39.20 4.64 -14.21
N GLY B 220 -37.91 4.90 -14.04
CA GLY B 220 -36.89 4.35 -14.93
C GLY B 220 -36.66 5.08 -16.23
N MET B 221 -36.87 6.41 -16.25
CA MET B 221 -36.60 7.20 -17.44
C MET B 221 -35.95 8.51 -17.04
N CYS B 222 -35.25 9.12 -18.00
CA CYS B 222 -34.60 10.40 -17.76
C CYS B 222 -35.62 11.45 -17.35
N ARG B 223 -35.26 12.26 -16.35
CA ARG B 223 -36.10 13.36 -15.90
C ARG B 223 -35.51 14.72 -16.22
N GLN B 224 -34.19 14.87 -16.20
CA GLN B 224 -33.55 16.12 -16.54
C GLN B 224 -32.17 15.83 -17.13
N THR B 225 -31.67 16.79 -17.90
CA THR B 225 -30.36 16.68 -18.53
C THR B 225 -29.62 18.00 -18.39
N PHE B 226 -28.36 17.94 -17.99
CA PHE B 226 -27.49 19.10 -17.85
C PHE B 226 -26.25 18.91 -18.70
N THR B 227 -25.87 19.95 -19.45
CA THR B 227 -24.75 19.88 -20.37
C THR B 227 -23.84 21.10 -20.22
N GLY B 228 -23.52 21.47 -18.98
CA GLY B 228 -22.67 22.62 -18.74
C GLY B 228 -21.19 22.37 -18.85
N HIS B 229 -20.76 21.12 -18.88
CA HIS B 229 -19.34 20.78 -18.93
C HIS B 229 -18.86 20.67 -20.37
N GLU B 230 -17.56 20.86 -20.54
CA GLU B 230 -16.91 20.77 -21.85
C GLU B 230 -16.05 19.52 -22.00
N SER B 231 -16.09 18.61 -21.03
CA SER B 231 -15.29 17.40 -21.08
C SER B 231 -16.00 16.31 -20.30
N ASP B 232 -15.33 15.17 -20.15
CA ASP B 232 -15.89 14.03 -19.42
C ASP B 232 -16.10 14.39 -17.95
N ILE B 233 -17.21 13.91 -17.40
CA ILE B 233 -17.56 14.13 -16.00
C ILE B 233 -17.13 12.89 -15.23
N ASN B 234 -16.01 13.00 -14.50
CA ASN B 234 -15.49 11.84 -13.77
C ASN B 234 -16.31 11.56 -12.50
N ALA B 235 -16.69 12.59 -11.77
CA ALA B 235 -17.30 12.42 -10.45
C ALA B 235 -18.58 13.23 -10.35
N ILE B 236 -19.49 12.76 -9.50
CA ILE B 236 -20.76 13.43 -9.23
C ILE B 236 -21.21 13.07 -7.83
N CYS B 237 -21.82 14.03 -7.14
CA CYS B 237 -22.32 13.79 -5.80
C CYS B 237 -23.56 14.64 -5.57
N PHE B 238 -24.45 14.14 -4.72
CA PHE B 238 -25.69 14.84 -4.41
C PHE B 238 -25.49 15.84 -3.28
N PHE B 239 -26.22 16.95 -3.35
CA PHE B 239 -26.25 17.89 -2.26
C PHE B 239 -26.92 17.24 -1.04
N PRO B 240 -26.52 17.62 0.17
CA PRO B 240 -27.14 17.00 1.35
C PRO B 240 -28.65 17.12 1.36
N ASN B 241 -29.21 18.23 0.88
CA ASN B 241 -30.65 18.40 0.85
C ASN B 241 -31.31 17.72 -0.34
N GLY B 242 -30.52 17.20 -1.28
CA GLY B 242 -31.05 16.40 -2.37
C GLY B 242 -31.58 17.16 -3.56
N ASN B 243 -31.55 18.50 -3.54
CA ASN B 243 -32.08 19.32 -4.62
C ASN B 243 -30.99 19.83 -5.55
N ALA B 244 -29.75 19.41 -5.37
CA ALA B 244 -28.65 19.87 -6.21
C ALA B 244 -27.54 18.82 -6.20
N PHE B 245 -26.61 18.96 -7.14
CA PHE B 245 -25.47 18.07 -7.23
C PHE B 245 -24.31 18.80 -7.88
N ALA B 246 -23.10 18.34 -7.59
CA ALA B 246 -21.88 18.91 -8.13
C ALA B 246 -21.21 17.91 -9.06
N THR B 247 -20.64 18.41 -10.16
CA THR B 247 -20.03 17.59 -11.19
C THR B 247 -18.54 17.88 -11.28
N GLY B 248 -17.73 16.83 -11.29
CA GLY B 248 -16.30 16.96 -11.51
C GLY B 248 -15.93 16.46 -12.89
N SER B 249 -15.02 17.18 -13.54
CA SER B 249 -14.65 16.87 -14.91
C SER B 249 -13.15 17.12 -15.11
N ASP B 250 -12.61 16.51 -16.17
CA ASP B 250 -11.18 16.62 -16.47
C ASP B 250 -10.78 18.02 -16.94
N ASP B 251 -11.74 18.89 -17.23
CA ASP B 251 -11.44 20.24 -17.71
C ASP B 251 -11.09 21.21 -16.58
N ALA B 252 -10.78 20.70 -15.38
CA ALA B 252 -10.29 21.53 -14.28
C ALA B 252 -11.35 22.52 -13.80
N THR B 253 -12.62 22.14 -13.84
CA THR B 253 -13.70 22.97 -13.36
C THR B 253 -14.78 22.10 -12.74
N CYS B 254 -15.42 22.61 -11.69
CA CYS B 254 -16.52 21.94 -11.01
C CYS B 254 -17.76 22.82 -11.11
N ARG B 255 -18.89 22.22 -11.46
CA ARG B 255 -20.13 22.94 -11.67
C ARG B 255 -21.21 22.39 -10.75
N LEU B 256 -21.97 23.29 -10.15
CA LEU B 256 -23.08 22.92 -9.28
C LEU B 256 -24.38 23.10 -10.04
N PHE B 257 -25.18 22.04 -10.13
CA PHE B 257 -26.44 22.03 -10.85
C PHE B 257 -27.60 21.93 -9.87
N ASP B 258 -28.68 22.64 -10.16
CA ASP B 258 -29.87 22.65 -9.34
C ASP B 258 -30.99 21.98 -10.12
N LEU B 259 -31.68 21.05 -9.46
CA LEU B 259 -32.75 20.32 -10.15
C LEU B 259 -33.92 21.20 -10.52
N ARG B 260 -34.26 22.19 -9.68
CA ARG B 260 -35.36 23.10 -9.96
C ARG B 260 -35.03 24.13 -11.04
N ALA B 261 -33.85 24.75 -10.95
CA ALA B 261 -33.45 25.74 -11.95
C ALA B 261 -33.12 25.10 -13.29
N ASP B 262 -32.72 23.82 -13.29
CA ASP B 262 -32.39 23.09 -14.50
C ASP B 262 -31.20 23.74 -15.22
N GLN B 263 -30.27 24.33 -14.48
CA GLN B 263 -29.09 24.93 -15.06
C GLN B 263 -28.03 25.07 -13.99
N GLU B 264 -26.78 25.26 -14.43
CA GLU B 264 -25.67 25.42 -13.50
C GLU B 264 -25.80 26.74 -12.75
N LEU B 265 -25.50 26.72 -11.46
CA LEU B 265 -25.59 27.92 -10.63
C LEU B 265 -24.26 28.64 -10.51
N MET B 266 -23.17 27.91 -10.33
CA MET B 266 -21.86 28.52 -10.19
C MET B 266 -20.79 27.55 -10.68
N THR B 267 -19.64 28.10 -11.05
CA THR B 267 -18.51 27.33 -11.56
C THR B 267 -17.31 27.51 -10.63
N TYR B 268 -16.70 26.40 -10.25
CA TYR B 268 -15.49 26.43 -9.43
C TYR B 268 -14.29 26.12 -10.33
N SER B 269 -13.45 27.11 -10.57
CA SER B 269 -12.27 26.96 -11.41
C SER B 269 -11.27 28.05 -11.06
N HIS B 270 -10.00 27.80 -11.41
CA HIS B 270 -8.95 28.77 -11.11
C HIS B 270 -7.81 28.57 -12.10
N ASP B 271 -6.97 29.60 -12.23
CA ASP B 271 -5.98 29.62 -13.29
C ASP B 271 -4.89 28.59 -13.06
N ASN B 272 -4.33 28.51 -11.84
CA ASN B 272 -3.29 27.54 -11.57
C ASN B 272 -3.81 26.11 -11.69
N ILE B 273 -5.06 25.88 -11.30
CA ILE B 273 -5.65 24.55 -11.39
C ILE B 273 -5.95 24.25 -12.85
N ILE B 274 -5.06 23.48 -13.50
CA ILE B 274 -5.27 23.02 -14.86
C ILE B 274 -5.51 21.51 -14.93
N CYS B 275 -5.51 20.82 -13.80
CA CYS B 275 -5.68 19.37 -13.79
C CYS B 275 -7.15 19.00 -13.67
N GLY B 276 -7.44 17.73 -13.95
CA GLY B 276 -8.79 17.22 -13.87
C GLY B 276 -9.22 16.91 -12.46
N ILE B 277 -10.51 16.59 -12.33
CA ILE B 277 -11.13 16.28 -11.04
C ILE B 277 -11.43 14.80 -11.01
N THR B 278 -11.03 14.12 -9.94
CA THR B 278 -11.23 12.68 -9.81
C THR B 278 -12.42 12.33 -8.92
N SER B 279 -12.64 13.05 -7.83
CA SER B 279 -13.75 12.78 -6.93
C SER B 279 -14.29 14.09 -6.38
N VAL B 280 -15.57 14.05 -5.99
CA VAL B 280 -16.25 15.21 -5.41
C VAL B 280 -17.16 14.73 -4.29
N SER B 281 -17.24 15.53 -3.23
CA SER B 281 -18.10 15.19 -2.10
C SER B 281 -18.54 16.48 -1.41
N PHE B 282 -19.60 16.36 -0.63
CA PHE B 282 -20.17 17.48 0.12
C PHE B 282 -20.09 17.20 1.61
N SER B 283 -20.07 18.28 2.39
CA SER B 283 -20.12 18.17 3.84
C SER B 283 -21.56 17.95 4.29
N LYS B 284 -21.75 17.72 5.59
CA LYS B 284 -23.10 17.48 6.10
C LYS B 284 -24.00 18.69 5.86
N SER B 285 -23.50 19.89 6.13
CA SER B 285 -24.29 21.10 5.91
C SER B 285 -24.29 21.56 4.46
N GLY B 286 -23.40 21.04 3.63
CA GLY B 286 -23.31 21.45 2.25
C GLY B 286 -22.56 22.74 2.01
N ARG B 287 -22.05 23.39 3.05
CA ARG B 287 -21.31 24.63 2.87
C ARG B 287 -19.96 24.38 2.19
N LEU B 288 -19.31 23.27 2.52
CA LEU B 288 -17.99 22.95 1.99
C LEU B 288 -18.11 21.86 0.94
N LEU B 289 -17.48 22.08 -0.21
CA LEU B 289 -17.39 21.11 -1.30
C LEU B 289 -15.94 20.68 -1.41
N LEU B 290 -15.67 19.43 -1.08
CA LEU B 290 -14.32 18.86 -1.17
C LEU B 290 -14.22 18.03 -2.45
N ALA B 291 -13.31 18.44 -3.33
CA ALA B 291 -13.15 17.79 -4.63
C ALA B 291 -11.70 17.39 -4.83
N GLY B 292 -11.49 16.17 -5.32
CA GLY B 292 -10.16 15.71 -5.62
C GLY B 292 -9.61 16.31 -6.91
N TYR B 293 -8.28 16.26 -7.04
CA TYR B 293 -7.61 16.80 -8.20
C TYR B 293 -6.41 15.91 -8.54
N ASP B 294 -6.00 15.96 -9.80
CA ASP B 294 -4.92 15.09 -10.25
C ASP B 294 -3.58 15.46 -9.60
N ASP B 295 -3.40 16.73 -9.25
CA ASP B 295 -2.18 17.14 -8.58
C ASP B 295 -2.15 16.60 -7.16
N PHE B 296 -0.99 16.72 -6.51
CA PHE B 296 -0.79 16.11 -5.21
C PHE B 296 -1.41 16.95 -4.09
N ASN B 297 -2.70 17.25 -4.19
CA ASN B 297 -3.40 18.00 -3.15
C ASN B 297 -4.90 17.84 -3.35
N CYS B 298 -5.65 18.20 -2.31
CA CYS B 298 -7.11 18.24 -2.36
C CYS B 298 -7.56 19.63 -1.96
N ASN B 299 -8.51 20.18 -2.71
CA ASN B 299 -8.98 21.54 -2.53
C ASN B 299 -10.39 21.53 -1.93
N VAL B 300 -10.62 22.38 -0.94
CA VAL B 300 -11.93 22.53 -0.31
C VAL B 300 -12.56 23.80 -0.87
N TRP B 301 -13.71 23.64 -1.51
CA TRP B 301 -14.41 24.75 -2.16
C TRP B 301 -15.67 25.08 -1.38
N ASP B 302 -15.92 26.38 -1.20
CA ASP B 302 -17.16 26.83 -0.57
C ASP B 302 -18.26 26.77 -1.62
N ALA B 303 -19.27 25.92 -1.38
CA ALA B 303 -20.31 25.70 -2.37
C ALA B 303 -21.06 26.98 -2.71
N LEU B 304 -21.13 27.93 -1.77
CA LEU B 304 -21.90 29.15 -2.00
C LEU B 304 -21.05 30.23 -2.67
N LYS B 305 -19.95 30.62 -2.02
CA LYS B 305 -19.10 31.69 -2.55
C LYS B 305 -18.15 31.21 -3.63
N ALA B 306 -17.95 29.90 -3.76
CA ALA B 306 -17.06 29.33 -4.78
C ALA B 306 -15.64 29.87 -4.64
N ASP B 307 -15.04 29.64 -3.47
CA ASP B 307 -13.67 30.04 -3.19
C ASP B 307 -12.94 28.91 -2.50
N ARG B 308 -11.61 28.90 -2.66
CA ARG B 308 -10.77 27.85 -2.10
C ARG B 308 -10.67 28.06 -0.59
N ALA B 309 -11.54 27.41 0.17
CA ALA B 309 -11.51 27.54 1.62
C ALA B 309 -10.22 26.97 2.20
N GLY B 310 -9.77 25.83 1.69
CA GLY B 310 -8.56 25.21 2.20
C GLY B 310 -8.02 24.18 1.23
N VAL B 311 -6.78 23.79 1.47
CA VAL B 311 -6.07 22.83 0.62
C VAL B 311 -5.48 21.75 1.51
N LEU B 312 -5.66 20.49 1.12
CA LEU B 312 -5.09 19.35 1.82
C LEU B 312 -3.96 18.79 0.96
N ALA B 313 -2.73 19.02 1.40
CA ALA B 313 -1.54 18.61 0.67
C ALA B 313 -0.84 17.43 1.35
N GLY B 314 -1.61 16.51 1.91
CA GLY B 314 -1.06 15.37 2.61
C GLY B 314 -0.86 14.16 1.72
N HIS B 315 -0.94 14.35 0.41
CA HIS B 315 -0.78 13.28 -0.56
C HIS B 315 0.30 13.63 -1.56
N ASP B 316 0.96 12.61 -2.10
CA ASP B 316 2.01 12.79 -3.08
C ASP B 316 1.63 12.23 -4.46
N ASN B 317 0.41 11.72 -4.62
CA ASN B 317 -0.04 11.16 -5.88
C ASN B 317 -1.47 11.63 -6.13
N ARG B 318 -2.11 11.03 -7.14
CA ARG B 318 -3.45 11.43 -7.52
C ARG B 318 -4.45 11.10 -6.41
N VAL B 319 -5.36 12.03 -6.14
CA VAL B 319 -6.41 11.82 -5.14
C VAL B 319 -7.58 11.16 -5.87
N SER B 320 -7.63 9.82 -5.81
CA SER B 320 -8.64 9.09 -6.57
C SER B 320 -10.04 9.31 -6.00
N CYS B 321 -10.19 9.17 -4.68
CA CYS B 321 -11.49 9.18 -4.04
C CYS B 321 -11.50 10.19 -2.90
N LEU B 322 -12.71 10.60 -2.52
CA LEU B 322 -12.90 11.61 -1.47
C LEU B 322 -14.23 11.32 -0.80
N GLY B 323 -14.20 10.84 0.43
CA GLY B 323 -15.40 10.48 1.16
C GLY B 323 -15.58 11.35 2.38
N VAL B 324 -16.84 11.65 2.70
CA VAL B 324 -17.19 12.46 3.86
C VAL B 324 -18.17 11.67 4.71
N THR B 325 -17.97 11.70 6.03
CA THR B 325 -18.83 10.98 6.93
C THR B 325 -20.26 11.52 6.87
N ASP B 326 -21.22 10.64 7.17
CA ASP B 326 -22.62 11.05 7.15
C ASP B 326 -22.88 12.19 8.13
N ASP B 327 -22.29 12.10 9.31
CA ASP B 327 -22.41 13.16 10.32
C ASP B 327 -21.42 14.30 10.10
N GLY B 328 -20.53 14.19 9.12
CA GLY B 328 -19.56 15.24 8.88
C GLY B 328 -18.43 15.30 9.87
N MET B 329 -18.23 14.23 10.65
CA MET B 329 -17.18 14.25 11.67
C MET B 329 -15.80 14.39 11.04
N ALA B 330 -15.54 13.66 9.95
CA ALA B 330 -14.22 13.66 9.33
C ALA B 330 -14.36 13.39 7.84
N VAL B 331 -13.29 13.68 7.11
CA VAL B 331 -13.23 13.49 5.66
C VAL B 331 -12.07 12.55 5.36
N ALA B 332 -12.33 11.54 4.54
CA ALA B 332 -11.32 10.57 4.14
C ALA B 332 -10.95 10.82 2.68
N THR B 333 -9.65 10.85 2.41
CA THR B 333 -9.13 11.14 1.07
C THR B 333 -8.15 10.05 0.67
N GLY B 334 -8.61 9.13 -0.20
CA GLY B 334 -7.71 8.15 -0.75
C GLY B 334 -6.90 8.70 -1.92
N SER B 335 -5.82 8.01 -2.24
CA SER B 335 -4.93 8.44 -3.30
C SER B 335 -4.11 7.24 -3.78
N TRP B 336 -3.45 7.44 -4.92
CA TRP B 336 -2.68 6.37 -5.57
C TRP B 336 -1.43 6.00 -4.80
N ASP B 337 -1.04 6.77 -3.79
CA ASP B 337 0.16 6.48 -3.02
C ASP B 337 0.00 5.30 -2.07
N SER B 338 -1.16 4.65 -2.07
CA SER B 338 -1.45 3.47 -1.25
C SER B 338 -1.68 3.83 0.21
N PHE B 339 -1.93 5.10 0.51
CA PHE B 339 -2.18 5.55 1.87
C PHE B 339 -3.50 6.30 1.92
N LEU B 340 -4.33 5.94 2.90
CA LEU B 340 -5.62 6.60 3.12
C LEU B 340 -5.53 7.41 4.40
N LYS B 341 -5.90 8.68 4.32
CA LYS B 341 -5.79 9.62 5.43
C LYS B 341 -7.16 10.17 5.81
N ILE B 342 -7.32 10.46 7.10
CA ILE B 342 -8.56 11.01 7.64
C ILE B 342 -8.29 12.46 8.04
N TRP B 343 -9.14 13.36 7.55
CA TRP B 343 -9.01 14.80 7.80
C TRP B 343 -10.26 15.31 8.49
N ASN B 344 -10.08 16.28 9.39
CA ASN B 344 -11.20 16.89 10.09
C ASN B 344 -10.80 18.25 10.67
N SER C 7 -39.40 4.54 -36.85
CA SER C 7 -40.57 4.62 -35.94
C SER C 7 -40.54 5.92 -35.14
N ILE C 8 -41.72 6.53 -34.95
CA ILE C 8 -41.80 7.81 -34.26
C ILE C 8 -42.28 7.67 -32.82
N ALA C 9 -42.61 6.45 -32.38
CA ALA C 9 -43.06 6.27 -31.00
C ALA C 9 -41.95 6.61 -30.01
N GLN C 10 -40.70 6.32 -30.37
CA GLN C 10 -39.59 6.63 -29.49
C GLN C 10 -39.50 8.13 -29.23
N ALA C 11 -39.69 8.94 -30.27
CA ALA C 11 -39.69 10.39 -30.09
C ALA C 11 -40.97 10.87 -29.43
N ARG C 12 -42.08 10.15 -29.63
CA ARG C 12 -43.32 10.52 -28.95
C ARG C 12 -43.19 10.34 -27.45
N LYS C 13 -42.49 9.31 -27.00
CA LYS C 13 -42.22 9.16 -25.56
C LYS C 13 -41.46 10.36 -25.03
N LEU C 14 -40.43 10.81 -25.76
CA LEU C 14 -39.68 11.98 -25.32
C LEU C 14 -40.55 13.22 -25.29
N VAL C 15 -41.44 13.37 -26.28
CA VAL C 15 -42.35 14.50 -26.31
C VAL C 15 -43.26 14.49 -25.08
N GLU C 16 -43.77 13.31 -24.74
CA GLU C 16 -44.63 13.19 -23.56
C GLU C 16 -43.86 13.52 -22.29
N GLN C 17 -42.61 13.07 -22.19
CA GLN C 17 -41.81 13.36 -21.00
C GLN C 17 -41.50 14.86 -20.91
N LEU C 18 -41.25 15.51 -22.05
CA LEU C 18 -41.11 16.97 -22.05
C LEU C 18 -42.38 17.66 -21.58
N LYS C 19 -43.54 17.17 -22.06
CA LYS C 19 -44.81 17.76 -21.61
C LYS C 19 -44.97 17.63 -20.10
N MET C 20 -44.64 16.45 -19.56
CA MET C 20 -44.67 16.29 -18.11
C MET C 20 -43.71 17.25 -17.44
N GLU C 21 -42.54 17.48 -18.05
CA GLU C 21 -41.57 18.42 -17.48
C GLU C 21 -42.15 19.83 -17.40
N ALA C 22 -42.86 20.27 -18.44
CA ALA C 22 -43.31 21.65 -18.49
C ALA C 22 -44.32 21.95 -17.37
N ASN C 23 -44.91 20.91 -16.78
CA ASN C 23 -45.99 21.11 -15.82
C ASN C 23 -45.50 21.49 -14.42
N ILE C 24 -44.19 21.47 -14.17
CA ILE C 24 -43.70 21.74 -12.82
C ILE C 24 -44.06 23.17 -12.41
N ASP C 25 -44.56 23.31 -11.18
CA ASP C 25 -44.86 24.62 -10.59
C ASP C 25 -43.59 25.15 -9.92
N ARG C 26 -42.84 25.94 -10.69
CA ARG C 26 -41.54 26.40 -10.25
C ARG C 26 -41.68 27.56 -9.27
N ILE C 27 -40.58 27.84 -8.56
CA ILE C 27 -40.51 28.91 -7.58
C ILE C 27 -39.35 29.82 -7.93
N LYS C 28 -39.44 31.09 -7.52
CA LYS C 28 -38.38 32.05 -7.80
C LYS C 28 -37.06 31.56 -7.22
N VAL C 29 -35.98 31.75 -7.97
CA VAL C 29 -34.67 31.29 -7.52
C VAL C 29 -34.23 32.06 -6.27
N SER C 30 -34.57 33.35 -6.19
CA SER C 30 -34.17 34.13 -5.03
C SER C 30 -34.72 33.54 -3.73
N LYS C 31 -36.02 33.21 -3.72
CA LYS C 31 -36.59 32.54 -2.55
C LYS C 31 -36.02 31.14 -2.39
N ALA C 32 -35.79 30.44 -3.52
CA ALA C 32 -35.19 29.12 -3.44
C ALA C 32 -33.80 29.19 -2.81
N ALA C 33 -33.00 30.18 -3.21
CA ALA C 33 -31.69 30.35 -2.58
C ALA C 33 -31.82 30.72 -1.12
N ALA C 34 -32.72 31.65 -0.80
CA ALA C 34 -32.87 32.10 0.58
C ALA C 34 -33.33 30.99 1.51
N ASP C 35 -34.10 30.04 1.00
CA ASP C 35 -34.54 28.90 1.78
C ASP C 35 -33.38 28.03 2.24
N LEU C 36 -32.23 28.12 1.56
CA LEU C 36 -31.01 27.48 2.03
C LEU C 36 -30.40 28.21 3.22
N MET C 37 -30.41 29.54 3.22
CA MET C 37 -30.03 30.31 4.39
C MET C 37 -31.08 30.13 5.49
N ALA C 38 -30.75 30.63 6.68
CA ALA C 38 -31.60 30.54 7.86
C ALA C 38 -31.59 29.13 8.43
N TYR C 39 -30.93 28.20 7.74
CA TYR C 39 -30.73 26.86 8.30
C TYR C 39 -29.32 26.68 8.81
N CYS C 40 -28.32 27.20 8.07
CA CYS C 40 -26.95 27.18 8.56
C CYS C 40 -26.79 28.02 9.81
N GLU C 41 -27.42 29.21 9.84
CA GLU C 41 -27.32 30.07 11.02
C GLU C 41 -27.94 29.40 12.24
N ALA C 42 -29.11 28.78 12.07
CA ALA C 42 -29.73 28.08 13.19
C ALA C 42 -28.91 26.88 13.62
N HIS C 43 -28.27 26.18 12.67
CA HIS C 43 -27.45 25.01 12.96
C HIS C 43 -25.96 25.33 12.92
N ALA C 44 -25.60 26.61 13.07
CA ALA C 44 -24.20 26.99 13.02
C ALA C 44 -23.40 26.31 14.13
N LYS C 45 -23.96 26.26 15.34
CA LYS C 45 -23.29 25.62 16.46
C LYS C 45 -23.38 24.10 16.39
N GLU C 46 -24.28 23.55 15.58
CA GLU C 46 -24.46 22.11 15.47
C GLU C 46 -23.45 21.46 14.54
N ASP C 47 -22.75 22.24 13.71
CA ASP C 47 -21.79 21.69 12.77
C ASP C 47 -20.43 21.60 13.43
N PRO C 48 -19.88 20.40 13.66
CA PRO C 48 -18.55 20.31 14.28
C PRO C 48 -17.45 20.94 13.43
N LEU C 49 -17.65 21.07 12.12
CA LEU C 49 -16.61 21.59 11.24
C LEU C 49 -16.64 23.11 11.15
N LEU C 50 -17.84 23.70 11.05
CA LEU C 50 -17.93 25.15 10.96
C LEU C 50 -17.34 25.82 12.21
N THR C 51 -17.64 25.26 13.39
CA THR C 51 -17.13 25.77 14.64
C THR C 51 -16.17 24.74 15.25
N PRO C 52 -14.99 25.14 15.72
CA PRO C 52 -14.07 24.16 16.28
C PRO C 52 -14.67 23.44 17.48
N VAL C 53 -14.35 22.15 17.58
CA VAL C 53 -14.87 21.30 18.66
C VAL C 53 -13.73 21.02 19.63
N PRO C 54 -13.91 21.23 20.93
CA PRO C 54 -12.82 20.95 21.88
C PRO C 54 -12.43 19.48 21.84
N ALA C 55 -11.14 19.24 22.06
CA ALA C 55 -10.62 17.87 22.00
C ALA C 55 -11.33 16.95 22.99
N SER C 56 -11.78 17.50 24.13
CA SER C 56 -12.45 16.68 25.13
C SER C 56 -13.73 16.08 24.57
N GLU C 57 -14.52 16.88 23.85
CA GLU C 57 -15.76 16.40 23.25
C GLU C 57 -15.56 15.77 21.88
N ASN C 58 -14.39 15.94 21.27
CA ASN C 58 -14.15 15.38 19.95
C ASN C 58 -13.90 13.88 20.05
N PRO C 59 -14.57 13.06 19.25
CA PRO C 59 -14.31 11.61 19.27
C PRO C 59 -13.13 11.16 18.43
N PHE C 60 -12.31 12.09 17.93
CA PHE C 60 -11.15 11.76 17.12
C PHE C 60 -9.83 12.14 17.78
N ARG C 61 -9.87 12.66 19.01
CA ARG C 61 -8.65 13.06 19.69
C ARG C 61 -7.78 11.85 19.99
N GLU C 62 -6.47 12.03 19.91
CA GLU C 62 -5.52 10.96 20.19
C GLU C 62 -5.34 10.78 21.69
N VAL D 1 -22.62 -25.10 11.70
CA VAL D 1 -21.76 -24.82 12.88
C VAL D 1 -22.02 -25.84 13.97
N GLN D 2 -21.03 -26.70 14.21
CA GLN D 2 -21.12 -27.73 15.24
C GLN D 2 -19.81 -27.80 16.00
N LEU D 3 -19.89 -28.25 17.26
CA LEU D 3 -18.72 -28.37 18.12
C LEU D 3 -18.87 -29.67 18.91
N VAL D 4 -18.28 -30.75 18.38
CA VAL D 4 -18.31 -32.05 19.02
C VAL D 4 -17.11 -32.19 19.94
N GLU D 5 -17.36 -32.52 21.20
CA GLU D 5 -16.31 -32.63 22.21
C GLU D 5 -16.33 -34.02 22.82
N SER D 6 -15.13 -34.52 23.14
CA SER D 6 -14.99 -35.84 23.73
C SER D 6 -13.77 -35.84 24.64
N GLY D 7 -13.72 -36.82 25.54
CA GLY D 7 -12.62 -36.95 26.48
C GLY D 7 -13.06 -37.02 27.92
N GLY D 8 -14.34 -37.33 28.14
CA GLY D 8 -14.87 -37.47 29.48
C GLY D 8 -14.65 -38.87 30.04
N GLY D 9 -15.15 -39.07 31.25
CA GLY D 9 -15.05 -40.34 31.94
C GLY D 9 -14.79 -40.13 33.41
N LEU D 10 -14.41 -41.22 34.07
CA LEU D 10 -14.10 -41.21 35.50
C LEU D 10 -12.62 -41.55 35.70
N VAL D 11 -11.92 -40.72 36.46
CA VAL D 11 -10.49 -40.90 36.72
C VAL D 11 -10.20 -40.56 38.17
N GLN D 12 -9.26 -41.30 38.75
CA GLN D 12 -8.86 -41.05 40.13
C GLN D 12 -8.08 -39.74 40.21
N PRO D 13 -8.06 -39.11 41.39
CA PRO D 13 -7.32 -37.84 41.52
C PRO D 13 -5.85 -38.04 41.21
N GLY D 14 -5.24 -36.99 40.65
CA GLY D 14 -3.84 -37.02 40.28
C GLY D 14 -3.56 -37.51 38.87
N GLY D 15 -4.59 -37.90 38.12
CA GLY D 15 -4.41 -38.36 36.76
C GLY D 15 -4.30 -37.21 35.78
N SER D 16 -4.23 -37.56 34.50
CA SER D 16 -4.12 -36.58 33.43
C SER D 16 -4.94 -37.05 32.24
N ARG D 17 -5.67 -36.11 31.63
CA ARG D 17 -6.45 -36.39 30.43
C ARG D 17 -6.36 -35.20 29.50
N LYS D 18 -6.65 -35.46 28.22
CA LYS D 18 -6.56 -34.45 27.17
C LYS D 18 -7.92 -34.35 26.48
N LEU D 19 -8.71 -33.36 26.87
CA LEU D 19 -9.98 -33.10 26.19
C LEU D 19 -9.73 -32.64 24.77
N SER D 20 -10.55 -33.11 23.84
CA SER D 20 -10.45 -32.76 22.43
C SER D 20 -11.81 -32.38 21.90
N CYS D 21 -11.81 -31.43 20.95
CA CYS D 21 -13.02 -30.98 20.30
C CYS D 21 -12.78 -30.84 18.81
N SER D 22 -13.77 -31.23 18.02
CA SER D 22 -13.73 -31.10 16.56
C SER D 22 -14.65 -29.96 16.13
N ALA D 23 -14.10 -29.02 15.38
CA ALA D 23 -14.84 -27.86 14.90
C ALA D 23 -15.17 -28.02 13.43
N SER D 24 -16.44 -27.80 13.08
CA SER D 24 -16.89 -27.93 11.70
C SER D 24 -17.94 -26.89 11.43
N GLY D 25 -18.09 -26.54 10.14
CA GLY D 25 -19.09 -25.58 9.72
C GLY D 25 -18.68 -24.13 9.84
N PHE D 26 -17.48 -23.84 10.32
CA PHE D 26 -17.02 -22.47 10.45
C PHE D 26 -15.50 -22.46 10.46
N ALA D 27 -14.93 -21.27 10.21
CA ALA D 27 -13.48 -21.09 10.18
C ALA D 27 -12.93 -21.15 11.59
N PHE D 28 -12.38 -22.31 11.97
CA PHE D 28 -11.82 -22.46 13.31
C PHE D 28 -10.66 -21.51 13.53
N SER D 29 -9.78 -21.38 12.55
CA SER D 29 -8.58 -20.56 12.72
C SER D 29 -8.95 -19.11 13.03
N SER D 30 -10.02 -18.61 12.42
CA SER D 30 -10.40 -17.21 12.59
C SER D 30 -11.15 -16.93 13.88
N PHE D 31 -11.53 -17.97 14.63
CA PHE D 31 -12.32 -17.82 15.84
C PHE D 31 -11.49 -18.20 17.06
N GLY D 32 -11.47 -17.33 18.06
CA GLY D 32 -10.81 -17.65 19.31
C GLY D 32 -11.67 -18.56 20.18
N MET D 33 -11.00 -19.44 20.92
CA MET D 33 -11.67 -20.46 21.72
C MET D 33 -11.69 -20.06 23.20
N HIS D 34 -12.68 -20.57 23.91
CA HIS D 34 -12.75 -20.44 25.36
C HIS D 34 -13.24 -21.76 25.96
N TRP D 35 -12.85 -22.01 27.20
CA TRP D 35 -13.23 -23.21 27.92
C TRP D 35 -13.96 -22.82 29.20
N VAL D 36 -15.13 -23.40 29.42
CA VAL D 36 -15.98 -23.09 30.56
C VAL D 36 -16.44 -24.39 31.21
N ARG D 37 -16.45 -24.42 32.54
CA ARG D 37 -16.76 -25.61 33.31
C ARG D 37 -18.04 -25.44 34.11
N GLN D 38 -18.84 -26.50 34.17
CA GLN D 38 -20.09 -26.54 34.93
C GLN D 38 -19.94 -27.51 36.08
N ALA D 39 -20.01 -26.99 37.30
CA ALA D 39 -20.06 -27.85 38.47
C ALA D 39 -21.41 -28.56 38.54
N PRO D 40 -21.48 -29.70 39.21
CA PRO D 40 -22.77 -30.42 39.29
C PRO D 40 -23.89 -29.58 39.87
N GLU D 41 -23.58 -28.69 40.82
CA GLU D 41 -24.59 -27.82 41.42
C GLU D 41 -24.28 -26.33 41.29
N LYS D 42 -23.04 -25.95 41.01
CA LYS D 42 -22.66 -24.55 40.90
C LYS D 42 -22.84 -24.07 39.46
N GLY D 43 -22.44 -22.83 39.20
CA GLY D 43 -22.61 -22.23 37.89
C GLY D 43 -21.38 -22.35 37.02
N LEU D 44 -21.45 -21.74 35.84
CA LEU D 44 -20.36 -21.78 34.88
C LEU D 44 -19.16 -21.00 35.40
N GLU D 45 -17.97 -21.41 34.93
CA GLU D 45 -16.72 -20.76 35.31
C GLU D 45 -15.73 -20.90 34.16
N TRP D 46 -15.07 -19.79 33.82
CA TRP D 46 -14.11 -19.79 32.73
C TRP D 46 -12.86 -20.57 33.11
N VAL D 47 -12.20 -21.14 32.10
CA VAL D 47 -11.01 -21.95 32.33
C VAL D 47 -9.81 -21.35 31.61
N ALA D 48 -9.89 -21.24 30.29
CA ALA D 48 -8.76 -20.78 29.50
C ALA D 48 -9.25 -20.17 28.20
N TYR D 49 -8.35 -19.43 27.53
CA TYR D 49 -8.67 -18.74 26.29
C TYR D 49 -7.43 -18.74 25.41
N ILE D 50 -7.58 -19.22 24.18
CA ILE D 50 -6.53 -19.16 23.17
C ILE D 50 -7.04 -18.34 21.99
N SER D 51 -6.23 -17.37 21.56
CA SER D 51 -6.64 -16.46 20.50
C SER D 51 -6.55 -17.13 19.14
N SER D 52 -6.97 -16.40 18.10
CA SER D 52 -6.95 -16.95 16.75
C SER D 52 -5.53 -17.27 16.30
N GLY D 53 -4.58 -16.39 16.62
CA GLY D 53 -3.20 -16.60 16.21
C GLY D 53 -2.40 -17.45 17.18
N SER D 54 -3.10 -18.14 18.08
CA SER D 54 -2.50 -19.00 19.10
C SER D 54 -1.66 -18.22 20.10
N GLY D 55 -1.75 -16.89 20.10
CA GLY D 55 -1.05 -16.05 21.05
C GLY D 55 -1.98 -15.50 22.12
N THR D 56 -1.38 -14.75 23.04
CA THR D 56 -2.10 -14.12 24.14
C THR D 56 -2.93 -15.16 24.90
N ILE D 57 -2.31 -16.32 25.14
CA ILE D 57 -3.00 -17.39 25.86
C ILE D 57 -3.14 -16.99 27.32
N TYR D 58 -4.37 -17.11 27.84
CA TYR D 58 -4.68 -16.73 29.21
C TYR D 58 -5.28 -17.92 29.95
N TYR D 59 -5.02 -17.99 31.25
CA TYR D 59 -5.56 -19.02 32.11
C TYR D 59 -6.16 -18.37 33.36
N ALA D 60 -7.21 -18.99 33.89
CA ALA D 60 -7.80 -18.51 35.13
C ALA D 60 -6.87 -18.80 36.30
N ASP D 61 -7.03 -18.04 37.37
CA ASP D 61 -6.14 -18.18 38.52
C ASP D 61 -6.22 -19.58 39.12
N THR D 62 -7.43 -20.14 39.22
CA THR D 62 -7.59 -21.45 39.84
C THR D 62 -7.00 -22.58 38.99
N VAL D 63 -6.66 -22.32 37.73
CA VAL D 63 -6.12 -23.34 36.84
C VAL D 63 -4.83 -22.89 36.16
N LYS D 64 -4.28 -21.75 36.56
CA LYS D 64 -3.07 -21.25 35.93
C LYS D 64 -1.93 -22.23 36.10
N GLY D 65 -1.21 -22.51 35.01
CA GLY D 65 -0.07 -23.40 35.05
C GLY D 65 -0.44 -24.87 35.04
N ARG D 66 -1.39 -25.24 35.89
CA ARG D 66 -1.77 -26.65 36.01
C ARG D 66 -2.36 -27.18 34.69
N PHE D 67 -3.16 -26.38 34.01
CA PHE D 67 -3.75 -26.76 32.73
C PHE D 67 -3.14 -25.95 31.61
N THR D 68 -3.09 -26.55 30.42
CA THR D 68 -2.59 -25.89 29.22
C THR D 68 -3.56 -26.10 28.08
N ILE D 69 -3.63 -25.12 27.19
CA ILE D 69 -4.56 -25.13 26.06
C ILE D 69 -3.75 -25.00 24.78
N SER D 70 -4.04 -25.87 23.80
CA SER D 70 -3.36 -25.84 22.51
C SER D 70 -4.38 -26.08 21.41
N ARG D 71 -4.07 -25.58 20.22
CA ARG D 71 -4.94 -25.70 19.06
C ARG D 71 -4.12 -26.10 17.84
N ASP D 72 -4.78 -26.77 16.89
CA ASP D 72 -4.17 -27.18 15.63
C ASP D 72 -5.08 -26.70 14.50
N ASP D 73 -4.77 -25.51 13.97
CA ASP D 73 -5.61 -24.95 12.91
C ASP D 73 -5.66 -25.85 11.67
N PRO D 74 -4.56 -26.39 11.17
CA PRO D 74 -4.67 -27.26 9.97
C PRO D 74 -5.59 -28.45 10.18
N LYS D 75 -5.61 -29.03 11.38
CA LYS D 75 -6.46 -30.17 11.67
C LYS D 75 -7.87 -29.77 12.10
N ASN D 76 -8.12 -28.47 12.31
CA ASN D 76 -9.44 -27.99 12.71
C ASN D 76 -9.91 -28.70 13.98
N THR D 77 -9.00 -28.89 14.93
CA THR D 77 -9.29 -29.56 16.18
C THR D 77 -8.63 -28.80 17.33
N LEU D 78 -9.29 -28.81 18.49
CA LEU D 78 -8.79 -28.17 19.69
C LEU D 78 -8.52 -29.21 20.76
N PHE D 79 -7.37 -29.08 21.43
CA PHE D 79 -6.97 -29.99 22.49
C PHE D 79 -6.77 -29.20 23.78
N LEU D 80 -7.40 -29.66 24.86
CA LEU D 80 -7.19 -29.14 26.19
C LEU D 80 -6.58 -30.25 27.04
N GLN D 81 -5.34 -30.06 27.48
CA GLN D 81 -4.61 -31.06 28.24
C GLN D 81 -4.65 -30.70 29.71
N MET D 82 -5.08 -31.65 30.54
CA MET D 82 -5.18 -31.45 31.98
C MET D 82 -4.16 -32.33 32.68
N THR D 83 -3.40 -31.75 33.60
CA THR D 83 -2.36 -32.46 34.33
C THR D 83 -2.58 -32.33 35.82
N SER D 84 -2.51 -33.47 36.53
CA SER D 84 -2.61 -33.50 37.99
C SER D 84 -3.90 -32.81 38.46
N LEU D 85 -5.00 -33.14 37.80
CA LEU D 85 -6.29 -32.58 38.18
C LEU D 85 -6.69 -33.04 39.58
N ARG D 86 -7.33 -32.14 40.31
CA ARG D 86 -7.74 -32.38 41.69
C ARG D 86 -9.25 -32.62 41.76
N SER D 87 -9.74 -32.82 42.99
CA SER D 87 -11.15 -33.09 43.20
C SER D 87 -12.01 -31.89 42.86
N GLU D 88 -11.49 -30.67 43.02
CA GLU D 88 -12.25 -29.47 42.72
C GLU D 88 -12.54 -29.31 41.23
N ASP D 89 -11.91 -30.12 40.37
CA ASP D 89 -12.06 -30.01 38.93
C ASP D 89 -13.28 -30.76 38.39
N THR D 90 -14.01 -31.48 39.25
CA THR D 90 -15.15 -32.26 38.78
C THR D 90 -16.22 -31.31 38.25
N ALA D 91 -16.42 -31.33 36.93
CA ALA D 91 -17.36 -30.42 36.29
C ALA D 91 -17.57 -30.86 34.85
N MET D 92 -18.55 -30.23 34.20
CA MET D 92 -18.81 -30.44 32.78
C MET D 92 -18.22 -29.27 32.01
N TYR D 93 -17.33 -29.57 31.07
CA TYR D 93 -16.58 -28.55 30.35
C TYR D 93 -17.20 -28.28 28.99
N TYR D 94 -17.39 -27.00 28.68
CA TYR D 94 -17.89 -26.55 27.39
C TYR D 94 -16.80 -25.79 26.66
N CYS D 95 -16.75 -25.95 25.33
CA CYS D 95 -15.87 -25.16 24.49
C CYS D 95 -16.70 -24.08 23.80
N VAL D 96 -16.19 -22.85 23.79
CA VAL D 96 -16.91 -21.70 23.29
C VAL D 96 -16.04 -20.98 22.28
N ARG D 97 -16.61 -20.68 21.11
CA ARG D 97 -15.92 -19.90 20.10
C ARG D 97 -16.12 -18.41 20.34
N SER D 98 -15.19 -17.61 19.82
CA SER D 98 -15.25 -16.17 20.01
C SER D 98 -14.48 -15.48 18.90
N ILE D 99 -15.02 -14.37 18.42
CA ILE D 99 -14.37 -13.53 17.42
C ILE D 99 -14.43 -12.09 17.91
N TYR D 100 -13.32 -11.36 17.73
CA TYR D 100 -13.16 -10.03 18.31
C TYR D 100 -13.00 -9.02 17.19
N TYR D 101 -14.04 -8.22 16.96
CA TYR D 101 -13.97 -7.07 16.07
C TYR D 101 -15.21 -6.24 16.32
N TYR D 102 -15.21 -5.00 15.81
CA TYR D 102 -16.32 -4.09 16.04
C TYR D 102 -17.61 -4.73 15.52
N GLY D 103 -18.62 -4.80 16.39
CA GLY D 103 -19.88 -5.41 16.04
C GLY D 103 -19.90 -6.91 16.16
N SER D 104 -18.82 -7.54 16.62
CA SER D 104 -18.77 -8.98 16.72
C SER D 104 -19.67 -9.49 17.86
N SER D 105 -19.92 -10.79 17.85
CA SER D 105 -20.79 -11.46 18.82
C SER D 105 -20.03 -12.62 19.43
N PRO D 106 -19.06 -12.35 20.30
CA PRO D 106 -18.32 -13.45 20.94
C PRO D 106 -19.20 -14.27 21.86
N PHE D 107 -18.80 -15.54 22.02
CA PHE D 107 -19.54 -16.51 22.83
C PHE D 107 -20.95 -16.73 22.30
N ASP D 108 -21.12 -16.65 20.98
CA ASP D 108 -22.44 -16.86 20.39
C ASP D 108 -22.82 -18.33 20.38
N PHE D 109 -21.87 -19.21 20.07
CA PHE D 109 -22.12 -20.64 19.97
C PHE D 109 -21.43 -21.38 21.11
N TRP D 110 -22.13 -22.36 21.67
CA TRP D 110 -21.61 -23.15 22.79
C TRP D 110 -21.71 -24.63 22.44
N GLY D 111 -20.67 -25.38 22.79
CA GLY D 111 -20.70 -26.81 22.55
C GLY D 111 -21.57 -27.56 23.53
N GLN D 112 -21.89 -28.81 23.17
CA GLN D 112 -22.72 -29.64 24.04
C GLN D 112 -22.04 -29.91 25.37
N GLY D 113 -20.73 -30.14 25.36
CA GLY D 113 -19.98 -30.36 26.58
C GLY D 113 -19.85 -31.84 26.90
N THR D 114 -18.90 -32.14 27.79
CA THR D 114 -18.62 -33.50 28.22
C THR D 114 -18.57 -33.56 29.74
N THR D 115 -18.96 -34.71 30.29
CA THR D 115 -18.98 -34.91 31.73
C THR D 115 -17.65 -35.47 32.21
N LEU D 116 -17.13 -34.88 33.28
CA LEU D 116 -15.88 -35.33 33.90
C LEU D 116 -16.15 -35.59 35.39
N THR D 117 -15.80 -36.79 35.84
CA THR D 117 -16.02 -37.20 37.23
C THR D 117 -14.71 -37.72 37.81
N VAL D 118 -14.47 -37.39 39.07
CA VAL D 118 -13.31 -37.85 39.82
C VAL D 118 -13.79 -38.57 41.07
N SER D 119 -13.27 -39.77 41.30
CA SER D 119 -13.63 -40.52 42.50
C SER D 119 -13.03 -39.89 43.75
N ALA D 120 -13.71 -40.07 44.86
CA ALA D 120 -13.24 -39.52 46.13
C ALA D 120 -11.93 -40.16 46.55
N SER D 135 -8.47 -13.60 44.34
CA SER D 135 -8.94 -12.21 44.33
C SER D 135 -8.46 -11.49 43.07
N ALA D 136 -8.45 -10.16 43.12
CA ALA D 136 -8.02 -9.35 41.98
C ALA D 136 -8.84 -9.67 40.74
N ASP D 137 -10.14 -9.85 40.92
CA ASP D 137 -11.03 -10.15 39.81
C ASP D 137 -12.41 -9.56 40.09
N ILE D 138 -13.17 -9.38 39.02
CA ILE D 138 -14.53 -8.85 39.13
C ILE D 138 -15.45 -9.94 39.62
N VAL D 139 -16.26 -9.64 40.63
CA VAL D 139 -17.18 -10.60 41.22
C VAL D 139 -18.59 -10.27 40.74
N MET D 140 -19.30 -11.29 40.25
CA MET D 140 -20.70 -11.16 39.84
C MET D 140 -21.57 -11.49 41.04
N THR D 141 -22.12 -10.46 41.68
CA THR D 141 -23.02 -10.64 42.81
C THR D 141 -24.44 -10.64 42.29
N GLN D 142 -24.99 -11.84 42.05
CA GLN D 142 -26.35 -11.97 41.56
C GLN D 142 -27.34 -11.72 42.71
N ALA D 143 -28.30 -10.82 42.46
CA ALA D 143 -29.23 -10.44 43.52
C ALA D 143 -30.09 -11.62 43.96
N THR D 144 -30.58 -12.42 43.02
CA THR D 144 -31.49 -13.51 43.32
C THR D 144 -31.01 -14.78 42.64
N SER D 145 -31.28 -15.91 43.27
CA SER D 145 -30.92 -17.22 42.75
C SER D 145 -32.07 -17.93 42.05
N SER D 146 -33.31 -17.60 42.39
CA SER D 146 -34.47 -18.25 41.79
C SER D 146 -35.66 -17.31 41.88
N VAL D 147 -36.42 -17.23 40.79
CA VAL D 147 -37.59 -16.35 40.69
C VAL D 147 -38.71 -17.12 40.02
N PRO D 148 -39.90 -17.22 40.63
CA PRO D 148 -41.01 -17.87 39.93
C PRO D 148 -41.56 -17.01 38.80
N VAL D 149 -41.96 -17.68 37.71
CA VAL D 149 -42.49 -17.01 36.54
C VAL D 149 -43.70 -17.79 36.03
N THR D 150 -44.54 -17.09 35.26
CA THR D 150 -45.69 -17.69 34.60
C THR D 150 -45.75 -17.22 33.16
N PRO D 151 -46.35 -18.01 32.26
CA PRO D 151 -46.46 -17.58 30.86
C PRO D 151 -47.21 -16.25 30.75
N GLY D 152 -46.74 -15.40 29.84
CA GLY D 152 -47.36 -14.11 29.61
C GLY D 152 -46.96 -13.02 30.60
N GLU D 153 -46.08 -13.32 31.54
CA GLU D 153 -45.65 -12.35 32.55
C GLU D 153 -44.27 -11.79 32.18
N SER D 154 -43.88 -10.76 32.93
CA SER D 154 -42.61 -10.08 32.75
C SER D 154 -41.80 -10.18 34.03
N VAL D 155 -40.52 -10.50 33.90
CA VAL D 155 -39.62 -10.65 35.05
C VAL D 155 -38.32 -9.91 34.74
N SER D 156 -37.78 -9.24 35.75
CA SER D 156 -36.53 -8.49 35.64
C SER D 156 -35.46 -9.18 36.47
N ILE D 157 -34.32 -9.43 35.87
CA ILE D 157 -33.18 -10.06 36.54
C ILE D 157 -32.07 -9.02 36.63
N SER D 158 -31.57 -8.80 37.85
CA SER D 158 -30.56 -7.79 38.12
C SER D 158 -29.35 -8.42 38.79
N CYS D 159 -28.21 -7.77 38.63
CA CYS D 159 -26.95 -8.25 39.16
C CYS D 159 -26.07 -7.07 39.53
N ARG D 160 -25.08 -7.34 40.38
CA ARG D 160 -24.15 -6.32 40.86
C ARG D 160 -22.73 -6.69 40.47
N SER D 161 -21.92 -5.67 40.17
CA SER D 161 -20.52 -5.84 39.81
C SER D 161 -19.65 -4.98 40.73
N SER D 162 -18.52 -5.54 41.15
CA SER D 162 -17.61 -4.81 42.03
C SER D 162 -17.05 -3.57 41.35
N LYS D 163 -16.69 -3.69 40.08
CA LYS D 163 -16.11 -2.59 39.31
C LYS D 163 -16.98 -2.30 38.10
N SER D 164 -17.21 -1.01 37.84
CA SER D 164 -18.01 -0.62 36.68
C SER D 164 -17.36 -1.12 35.40
N LEU D 165 -18.18 -1.70 34.53
CA LEU D 165 -17.70 -2.23 33.25
C LEU D 165 -17.70 -1.20 32.13
N LEU D 166 -18.11 0.04 32.42
CA LEU D 166 -18.16 1.09 31.41
C LEU D 166 -16.74 1.52 31.08
N HIS D 167 -16.20 1.01 29.98
CA HIS D 167 -14.87 1.38 29.52
C HIS D 167 -14.89 2.79 28.95
N SER D 168 -13.71 3.41 28.89
CA SER D 168 -13.61 4.77 28.37
C SER D 168 -14.10 4.88 26.93
N ASN D 169 -14.14 3.76 26.19
CA ASN D 169 -14.62 3.77 24.82
C ASN D 169 -16.14 3.75 24.72
N GLY D 170 -16.84 3.69 25.85
CA GLY D 170 -18.30 3.72 25.86
C GLY D 170 -18.96 2.36 25.80
N ASN D 171 -18.20 1.28 25.73
CA ASN D 171 -18.75 -0.07 25.66
C ASN D 171 -18.65 -0.74 27.04
N THR D 172 -19.79 -1.21 27.53
CA THR D 172 -19.84 -1.95 28.80
C THR D 172 -19.84 -3.44 28.48
N TYR D 173 -18.95 -4.18 29.12
CA TYR D 173 -18.70 -5.58 28.76
C TYR D 173 -19.59 -6.48 29.63
N LEU D 174 -20.84 -6.60 29.21
CA LEU D 174 -21.83 -7.42 29.91
C LEU D 174 -22.57 -8.30 28.93
N TYR D 175 -22.45 -9.62 29.12
CA TYR D 175 -23.13 -10.60 28.29
C TYR D 175 -24.12 -11.39 29.15
N TRP D 176 -25.13 -11.95 28.50
CA TRP D 176 -26.16 -12.76 29.15
C TRP D 176 -26.23 -14.12 28.47
N PHE D 177 -26.41 -15.17 29.27
CA PHE D 177 -26.49 -16.54 28.77
C PHE D 177 -27.67 -17.25 29.41
N LEU D 178 -28.31 -18.14 28.64
CA LEU D 178 -29.45 -18.92 29.10
C LEU D 178 -29.14 -20.40 28.96
N GLN D 179 -29.22 -21.14 30.05
CA GLN D 179 -29.01 -22.58 30.07
C GLN D 179 -30.37 -23.25 30.26
N ARG D 180 -31.02 -23.59 29.16
CA ARG D 180 -32.20 -24.43 29.24
C ARG D 180 -31.79 -25.82 29.70
N PRO D 181 -32.66 -26.51 30.45
CA PRO D 181 -32.28 -27.84 30.95
C PRO D 181 -31.98 -28.79 29.81
N GLY D 182 -30.92 -29.58 29.99
CA GLY D 182 -30.55 -30.59 29.01
C GLY D 182 -29.76 -30.08 27.82
N GLN D 183 -29.32 -28.83 27.82
CA GLN D 183 -28.55 -28.30 26.70
C GLN D 183 -27.66 -27.16 27.20
N SER D 184 -26.74 -26.75 26.32
CA SER D 184 -25.72 -25.79 26.68
C SER D 184 -26.27 -24.37 26.73
N PRO D 185 -25.54 -23.44 27.35
CA PRO D 185 -25.99 -22.05 27.40
C PRO D 185 -26.06 -21.43 26.00
N GLN D 186 -26.94 -20.44 25.85
CA GLN D 186 -27.08 -19.72 24.60
C GLN D 186 -26.99 -18.23 24.88
N LEU D 187 -26.17 -17.52 24.09
CA LEU D 187 -26.02 -16.08 24.24
C LEU D 187 -27.30 -15.37 23.81
N LEU D 188 -27.72 -14.38 24.59
CA LEU D 188 -28.94 -13.62 24.31
C LEU D 188 -28.65 -12.17 23.99
N ILE D 189 -28.00 -11.43 24.90
CA ILE D 189 -27.58 -10.06 24.66
C ILE D 189 -26.09 -9.95 24.97
N TYR D 190 -25.35 -9.29 24.08
CA TYR D 190 -23.94 -9.00 24.28
C TYR D 190 -23.74 -7.49 24.25
N ARG D 191 -22.94 -6.99 25.20
CA ARG D 191 -22.74 -5.56 25.37
C ARG D 191 -24.04 -4.85 25.72
N MET D 192 -24.98 -5.58 26.33
CA MET D 192 -26.22 -5.07 26.93
C MET D 192 -27.02 -4.18 25.98
N SER D 193 -26.70 -4.20 24.69
CA SER D 193 -27.45 -3.42 23.72
C SER D 193 -27.63 -4.12 22.38
N ASN D 194 -27.18 -5.36 22.22
CA ASN D 194 -27.25 -6.07 20.94
C ASN D 194 -27.71 -7.49 21.21
N LEU D 195 -28.66 -7.96 20.41
CA LEU D 195 -29.19 -9.31 20.56
C LEU D 195 -28.48 -10.26 19.59
N ALA D 196 -28.17 -11.45 20.09
CA ALA D 196 -27.47 -12.44 19.27
C ALA D 196 -28.38 -12.94 18.16
N SER D 197 -27.75 -13.48 17.11
CA SER D 197 -28.51 -13.99 15.97
C SER D 197 -29.42 -15.12 16.42
N GLY D 198 -30.66 -15.10 15.92
CA GLY D 198 -31.65 -16.10 16.25
C GLY D 198 -32.38 -15.87 17.56
N VAL D 199 -32.06 -14.80 18.28
CA VAL D 199 -32.71 -14.50 19.56
C VAL D 199 -33.96 -13.67 19.29
N PRO D 200 -35.11 -14.02 19.88
CA PRO D 200 -36.31 -13.20 19.64
C PRO D 200 -36.10 -11.76 20.08
N ASP D 201 -36.70 -10.84 19.34
CA ASP D 201 -36.54 -9.41 19.61
C ASP D 201 -37.18 -8.98 20.93
N ARG D 202 -38.02 -9.82 21.53
CA ARG D 202 -38.67 -9.43 22.78
C ARG D 202 -37.67 -9.25 23.92
N PHE D 203 -36.51 -9.90 23.85
CA PHE D 203 -35.50 -9.72 24.88
C PHE D 203 -34.93 -8.31 24.81
N SER D 204 -34.60 -7.75 25.98
CA SER D 204 -34.04 -6.40 26.05
C SER D 204 -33.23 -6.28 27.33
N GLY D 205 -32.15 -5.52 27.26
CA GLY D 205 -31.29 -5.30 28.41
C GLY D 205 -30.85 -3.86 28.50
N SER D 206 -30.59 -3.43 29.73
CA SER D 206 -30.15 -2.06 29.98
C SER D 206 -29.39 -2.02 31.29
N GLY D 207 -28.63 -0.95 31.48
CA GLY D 207 -27.85 -0.80 32.70
C GLY D 207 -27.20 0.56 32.75
N SER D 208 -26.66 0.89 33.92
CA SER D 208 -25.99 2.16 34.16
C SER D 208 -24.48 2.02 34.27
N GLY D 209 -23.93 0.85 33.95
CA GLY D 209 -22.52 0.59 34.04
C GLY D 209 -22.09 -0.15 35.29
N THR D 210 -22.91 -0.11 36.34
CA THR D 210 -22.66 -0.89 37.55
C THR D 210 -23.87 -1.66 38.05
N ALA D 211 -25.09 -1.23 37.70
CA ALA D 211 -26.30 -1.96 38.02
C ALA D 211 -27.00 -2.31 36.73
N PHE D 212 -27.36 -3.59 36.57
CA PHE D 212 -27.87 -4.11 35.31
C PHE D 212 -29.21 -4.77 35.54
N THR D 213 -30.05 -4.75 34.50
CA THR D 213 -31.37 -5.37 34.55
C THR D 213 -31.67 -6.00 33.19
N LEU D 214 -32.15 -7.24 33.22
CA LEU D 214 -32.55 -7.96 32.01
C LEU D 214 -34.06 -8.12 32.01
N THR D 215 -34.71 -7.65 30.95
CA THR D 215 -36.15 -7.68 30.83
C THR D 215 -36.56 -8.71 29.78
N ILE D 216 -37.51 -9.57 30.14
CA ILE D 216 -38.02 -10.60 29.24
C ILE D 216 -39.52 -10.38 29.14
N SER D 217 -39.94 -9.64 28.11
CA SER D 217 -41.35 -9.38 27.89
C SER D 217 -42.00 -10.53 27.12
N ARG D 218 -43.25 -10.82 27.44
CA ARG D 218 -43.99 -11.91 26.81
C ARG D 218 -43.27 -13.24 27.01
N LEU D 219 -43.15 -13.64 28.28
CA LEU D 219 -42.42 -14.85 28.62
C LEU D 219 -43.04 -16.05 27.91
N GLU D 220 -42.17 -16.88 27.34
CA GLU D 220 -42.57 -18.06 26.60
C GLU D 220 -41.98 -19.30 27.28
N ALA D 221 -42.68 -20.43 27.14
CA ALA D 221 -42.27 -21.65 27.83
C ALA D 221 -40.85 -22.07 27.50
N GLU D 222 -40.35 -21.70 26.31
CA GLU D 222 -38.99 -22.05 25.93
C GLU D 222 -37.92 -21.29 26.70
N ASP D 223 -38.30 -20.28 27.47
CA ASP D 223 -37.35 -19.45 28.21
C ASP D 223 -36.98 -20.06 29.55
N VAL D 224 -37.55 -21.20 29.93
CA VAL D 224 -37.23 -21.82 31.21
C VAL D 224 -35.77 -22.25 31.21
N GLY D 225 -35.08 -21.96 32.30
CA GLY D 225 -33.68 -22.31 32.44
C GLY D 225 -33.02 -21.45 33.49
N VAL D 226 -31.69 -21.48 33.49
CA VAL D 226 -30.87 -20.71 34.42
C VAL D 226 -30.12 -19.64 33.62
N TYR D 227 -30.21 -18.39 34.06
CA TYR D 227 -29.61 -17.26 33.37
C TYR D 227 -28.29 -16.92 34.04
N TYR D 228 -27.22 -16.83 33.25
CA TYR D 228 -25.88 -16.57 33.76
C TYR D 228 -25.35 -15.27 33.16
N CYS D 229 -24.47 -14.60 33.90
CA CYS D 229 -23.86 -13.35 33.46
C CYS D 229 -22.38 -13.55 33.15
N MET D 230 -21.82 -12.55 32.47
CA MET D 230 -20.41 -12.56 32.07
C MET D 230 -19.88 -11.13 32.05
N GLN D 231 -18.64 -10.97 32.51
CA GLN D 231 -17.92 -9.71 32.39
C GLN D 231 -16.62 -9.97 31.63
N HIS D 232 -16.34 -9.11 30.65
CA HIS D 232 -15.18 -9.28 29.78
C HIS D 232 -14.23 -8.09 29.83
N LEU D 233 -14.41 -7.17 30.76
CA LEU D 233 -13.51 -6.03 30.87
C LEU D 233 -12.09 -6.48 31.21
N GLU D 234 -11.95 -7.37 32.19
CA GLU D 234 -10.65 -7.83 32.63
C GLU D 234 -10.72 -9.32 32.95
N TYR D 235 -9.65 -10.03 32.63
CA TYR D 235 -9.59 -11.44 32.93
C TYR D 235 -9.25 -11.66 34.40
N PRO D 236 -9.67 -12.79 34.98
CA PRO D 236 -10.41 -13.90 34.38
C PRO D 236 -11.88 -13.56 34.14
N LEU D 237 -12.54 -14.27 33.22
CA LEU D 237 -13.94 -14.00 32.87
C LEU D 237 -14.82 -14.64 33.94
N THR D 238 -14.91 -13.97 35.08
CA THR D 238 -15.72 -14.46 36.19
C THR D 238 -17.20 -14.44 35.84
N PHE D 239 -17.94 -15.37 36.44
CA PHE D 239 -19.34 -15.59 36.14
C PHE D 239 -20.16 -15.51 37.42
N GLY D 240 -21.45 -15.22 37.27
CA GLY D 240 -22.35 -15.10 38.39
C GLY D 240 -22.87 -16.44 38.88
N ALA D 241 -23.64 -16.38 39.96
CA ALA D 241 -24.19 -17.60 40.54
C ALA D 241 -25.22 -18.25 39.62
N GLY D 242 -26.02 -17.45 38.92
CA GLY D 242 -27.06 -17.97 38.05
C GLY D 242 -28.43 -17.92 38.67
N THR D 243 -29.40 -17.41 37.91
CA THR D 243 -30.78 -17.29 38.36
C THR D 243 -31.65 -18.28 37.59
N LYS D 244 -32.37 -19.12 38.31
CA LYS D 244 -33.21 -20.16 37.71
C LYS D 244 -34.67 -19.71 37.74
N LEU D 245 -35.34 -19.85 36.59
CA LEU D 245 -36.74 -19.51 36.47
C LEU D 245 -37.57 -20.79 36.37
N GLU D 246 -38.55 -20.93 37.25
CA GLU D 246 -39.44 -22.09 37.25
C GLU D 246 -40.80 -21.69 36.69
N LEU D 247 -41.31 -22.50 35.76
CA LEU D 247 -42.59 -22.22 35.12
C LEU D 247 -43.74 -22.67 36.01
N MET E 1 77.26 11.10 19.01
CA MET E 1 76.23 10.04 19.14
C MET E 1 76.74 8.72 18.57
N ASN E 2 76.49 7.63 19.30
CA ASN E 2 76.89 6.31 18.82
C ASN E 2 76.02 5.90 17.63
N ARG E 3 76.67 5.41 16.57
CA ARG E 3 75.97 5.01 15.36
C ARG E 3 75.19 6.17 14.74
N HIS E 4 75.71 7.39 14.90
CA HIS E 4 75.08 8.57 14.34
C HIS E 4 73.63 8.71 14.82
N HIS E 5 72.75 9.21 13.96
CA HIS E 5 71.35 9.42 14.34
C HIS E 5 70.57 8.11 14.39
N LEU E 6 71.14 7.00 13.93
CA LEU E 6 70.40 5.74 13.93
C LEU E 6 70.03 5.32 15.34
N GLN E 7 70.80 5.75 16.35
CA GLN E 7 70.48 5.42 17.73
C GLN E 7 69.12 5.96 18.13
N ASP E 8 68.67 7.06 17.52
CA ASP E 8 67.35 7.62 17.80
C ASP E 8 66.27 7.04 16.92
N HIS E 9 66.59 6.64 15.68
CA HIS E 9 65.60 6.03 14.82
C HIS E 9 65.06 4.73 15.41
N PHE E 10 65.95 3.92 15.97
CA PHE E 10 65.54 2.69 16.65
C PHE E 10 64.73 3.06 17.88
N LEU E 11 63.52 2.50 17.98
CA LEU E 11 62.57 2.90 19.03
C LEU E 11 62.10 1.75 19.92
N GLU E 12 61.84 0.57 19.37
CA GLU E 12 61.36 -0.57 20.16
C GLU E 12 60.02 -0.21 20.81
N ILE E 13 59.01 -0.01 19.95
CA ILE E 13 57.67 0.33 20.44
C ILE E 13 57.18 -0.72 21.42
N ASP E 14 56.94 -1.94 20.94
CA ASP E 14 56.66 -3.08 21.80
C ASP E 14 57.54 -4.24 21.37
N LYS E 15 57.78 -4.34 20.07
CA LYS E 15 58.82 -5.20 19.52
C LYS E 15 59.97 -4.36 19.00
N LYS E 16 61.08 -5.01 18.68
CA LYS E 16 62.28 -4.29 18.31
C LYS E 16 62.20 -3.79 16.87
N ASN E 17 63.13 -2.89 16.53
CA ASN E 17 63.39 -2.42 15.18
C ASN E 17 62.35 -1.42 14.68
N CYS E 18 61.52 -0.87 15.56
CA CYS E 18 60.63 0.21 15.14
C CYS E 18 61.45 1.41 14.72
N CYS E 19 61.11 1.97 13.54
CA CYS E 19 61.99 2.93 12.90
C CYS E 19 61.26 4.12 12.29
N VAL E 20 60.36 4.78 13.03
CA VAL E 20 59.77 6.01 12.53
C VAL E 20 60.84 7.09 12.46
N PHE E 21 60.91 7.80 11.34
CA PHE E 21 61.99 8.74 11.09
C PHE E 21 61.62 10.13 11.59
N ARG E 22 62.58 11.05 11.50
CA ARG E 22 62.43 12.41 11.98
C ARG E 22 63.03 13.39 10.98
N ASP E 23 62.48 14.61 10.97
CA ASP E 23 63.02 15.70 10.17
C ASP E 23 63.12 15.36 8.69
N ASP E 24 61.99 15.18 8.01
CA ASP E 24 61.98 14.82 6.60
C ASP E 24 60.89 15.61 5.89
N PHE E 25 60.58 15.20 4.66
CA PHE E 25 59.78 15.99 3.72
C PHE E 25 58.30 16.05 4.07
N ILE E 26 57.84 15.23 5.01
CA ILE E 26 56.40 15.06 5.21
C ILE E 26 55.71 16.39 5.48
N VAL E 27 56.37 17.30 6.20
CA VAL E 27 55.70 18.54 6.60
C VAL E 27 55.33 19.38 5.37
N LYS E 28 56.15 19.36 4.33
CA LYS E 28 55.89 20.22 3.17
C LYS E 28 54.75 19.68 2.33
N VAL E 29 54.52 18.37 2.33
CA VAL E 29 53.56 17.78 1.40
C VAL E 29 52.23 17.50 2.10
N LEU E 30 52.28 16.82 3.24
CA LEU E 30 51.04 16.26 3.81
C LEU E 30 50.01 17.32 4.18
N PRO E 31 50.33 18.39 4.89
CA PRO E 31 49.28 19.25 5.47
C PRO E 31 48.37 19.85 4.42
N PRO E 32 48.92 20.45 3.35
CA PRO E 32 48.02 21.03 2.33
C PRO E 32 47.10 20.00 1.68
N VAL E 33 47.63 18.82 1.37
CA VAL E 33 46.82 17.78 0.75
C VAL E 33 45.71 17.35 1.70
N LEU E 34 46.06 17.15 2.97
CA LEU E 34 45.06 16.76 3.95
C LEU E 34 43.99 17.83 4.10
N GLY E 35 44.39 19.11 4.04
CA GLY E 35 43.41 20.18 4.15
C GLY E 35 42.45 20.21 2.98
N LEU E 36 42.98 20.10 1.76
CA LEU E 36 42.10 20.10 0.59
C LEU E 36 41.17 18.88 0.62
N GLU E 37 41.71 17.72 1.00
CA GLU E 37 40.87 16.53 1.11
C GLU E 37 39.79 16.70 2.16
N PHE E 38 40.14 17.27 3.32
CA PHE E 38 39.16 17.47 4.36
C PHE E 38 38.05 18.40 3.89
N ILE E 39 38.41 19.50 3.24
CA ILE E 39 37.40 20.46 2.78
C ILE E 39 36.46 19.79 1.78
N PHE E 40 37.03 19.12 0.77
CA PHE E 40 36.21 18.53 -0.26
C PHE E 40 35.31 17.43 0.30
N GLY E 41 35.89 16.51 1.07
CA GLY E 41 35.10 15.44 1.66
C GLY E 41 34.02 15.99 2.58
N LEU E 42 34.34 17.04 3.33
CA LEU E 42 33.35 17.65 4.21
C LEU E 42 32.16 18.15 3.42
N LEU E 43 32.40 18.97 2.38
CA LEU E 43 31.25 19.53 1.67
C LEU E 43 30.47 18.42 0.98
N GLY E 44 31.17 17.45 0.39
CA GLY E 44 30.47 16.38 -0.32
C GLY E 44 29.62 15.52 0.59
N ASN E 45 30.19 15.09 1.72
CA ASN E 45 29.44 14.28 2.66
C ASN E 45 28.29 15.07 3.27
N GLY E 46 28.51 16.35 3.55
CA GLY E 46 27.43 17.17 4.06
C GLY E 46 26.25 17.24 3.10
N LEU E 47 26.53 17.51 1.83
CA LEU E 47 25.42 17.60 0.87
C LEU E 47 24.76 16.24 0.70
N ALA E 48 25.55 15.16 0.66
CA ALA E 48 24.98 13.83 0.49
C ALA E 48 24.04 13.50 1.65
N LEU E 49 24.48 13.75 2.87
CA LEU E 49 23.63 13.48 4.03
C LEU E 49 22.38 14.37 4.01
N TRP E 50 22.53 15.63 3.59
CA TRP E 50 21.39 16.53 3.56
C TRP E 50 20.33 16.04 2.59
N ILE E 51 20.74 15.59 1.39
CA ILE E 51 19.74 15.07 0.46
C ILE E 51 19.24 13.68 0.87
N PHE E 52 20.02 12.92 1.65
CA PHE E 52 19.54 11.61 2.08
C PHE E 52 18.29 11.70 2.96
N CYS E 53 18.02 12.87 3.54
CA CYS E 53 16.85 13.07 4.38
C CYS E 53 15.66 13.62 3.61
N PHE E 54 15.60 13.37 2.30
CA PHE E 54 14.52 13.87 1.45
C PHE E 54 13.83 12.79 0.64
N HIS E 55 14.30 11.55 0.68
CA HIS E 55 13.78 10.46 -0.15
C HIS E 55 13.57 9.21 0.71
N LEU E 56 12.91 9.37 1.85
CA LEU E 56 12.67 8.24 2.74
C LEU E 56 11.85 7.16 2.06
N LYS E 57 10.82 7.55 1.31
CA LYS E 57 9.95 6.56 0.67
C LYS E 57 10.72 5.69 -0.31
N SER E 58 11.61 6.29 -1.10
CA SER E 58 12.44 5.55 -2.04
C SER E 58 13.76 5.10 -1.43
N TRP E 59 13.81 4.94 -0.10
CA TRP E 59 15.02 4.56 0.61
C TRP E 59 15.05 3.04 0.73
N LYS E 60 16.03 2.40 0.09
CA LYS E 60 16.05 0.95 -0.04
C LYS E 60 17.44 0.38 0.25
N SER E 61 17.61 -0.93 0.02
CA SER E 61 18.83 -1.60 0.44
C SER E 61 20.06 -0.99 -0.21
N SER E 62 20.00 -0.75 -1.52
CA SER E 62 21.12 -0.11 -2.21
C SER E 62 21.40 1.26 -1.62
N ARG E 63 20.34 2.06 -1.42
CA ARG E 63 20.54 3.36 -0.80
C ARG E 63 20.95 3.24 0.66
N ILE E 64 20.55 2.16 1.33
CA ILE E 64 21.02 1.91 2.70
C ILE E 64 22.54 1.75 2.70
N PHE E 65 23.07 0.92 1.81
CA PHE E 65 24.51 0.70 1.75
C PHE E 65 25.23 1.98 1.32
N LEU E 66 24.64 2.72 0.39
CA LEU E 66 25.25 3.98 -0.03
C LEU E 66 25.31 4.97 1.14
N PHE E 67 24.25 5.04 1.94
CA PHE E 67 24.25 5.92 3.11
C PHE E 67 25.29 5.47 4.13
N ASN E 68 25.44 4.17 4.31
CA ASN E 68 26.49 3.67 5.20
C ASN E 68 27.87 4.11 4.72
N LEU E 69 28.11 3.99 3.42
CA LEU E 69 29.39 4.44 2.86
C LEU E 69 29.58 5.94 3.08
N ALA E 70 28.51 6.72 2.89
CA ALA E 70 28.60 8.16 3.13
C ALA E 70 28.96 8.45 4.59
N VAL E 71 28.34 7.71 5.52
CA VAL E 71 28.63 7.92 6.94
C VAL E 71 30.09 7.60 7.23
N ALA E 72 30.60 6.50 6.66
CA ALA E 72 32.00 6.14 6.89
C ALA E 72 32.93 7.22 6.34
N ASP E 73 32.65 7.71 5.14
CA ASP E 73 33.49 8.75 4.55
C ASP E 73 33.43 10.04 5.38
N PHE E 74 32.24 10.39 5.86
CA PHE E 74 32.10 11.58 6.68
C PHE E 74 32.90 11.46 7.98
N LEU E 75 32.85 10.28 8.61
CA LEU E 75 33.63 10.09 9.82
C LEU E 75 35.13 10.20 9.54
N LEU E 76 35.58 9.60 8.43
CA LEU E 76 37.00 9.66 8.10
C LEU E 76 37.46 11.09 7.83
N ILE E 77 36.66 11.85 7.07
CA ILE E 77 37.08 13.22 6.79
C ILE E 77 36.99 14.08 8.04
N ILE E 78 36.06 13.77 8.95
CA ILE E 78 36.01 14.49 10.22
C ILE E 78 37.23 14.16 11.08
N CYS E 79 37.77 12.95 10.94
CA CYS E 79 39.01 12.59 11.65
C CYS E 79 40.25 13.14 10.96
N LEU E 80 40.15 13.51 9.68
CA LEU E 80 41.32 14.02 8.96
C LEU E 80 42.01 15.20 9.64
N PRO E 81 41.31 16.25 10.10
CA PRO E 81 42.03 17.41 10.63
C PRO E 81 42.85 17.11 11.88
N PHE E 82 42.53 16.06 12.64
CA PHE E 82 43.43 15.66 13.72
C PHE E 82 44.78 15.23 13.16
N LEU E 83 44.76 14.45 12.07
CA LEU E 83 46.00 14.08 11.42
C LEU E 83 46.71 15.29 10.82
N MET E 84 45.94 16.26 10.29
CA MET E 84 46.56 17.48 9.81
C MET E 84 47.29 18.21 10.93
N ASP E 85 46.65 18.32 12.10
CA ASP E 85 47.28 18.97 13.25
C ASP E 85 48.54 18.21 13.67
N ASN E 86 48.47 16.88 13.67
CA ASN E 86 49.64 16.08 14.01
C ASN E 86 50.78 16.33 13.03
N TYR E 87 50.47 16.39 11.73
CA TYR E 87 51.51 16.51 10.72
C TYR E 87 52.12 17.91 10.68
N VAL E 88 51.34 18.96 10.94
CA VAL E 88 51.92 20.30 10.99
C VAL E 88 52.91 20.42 12.14
N ARG E 89 52.64 19.76 13.27
CA ARG E 89 53.60 19.64 14.35
C ARG E 89 54.60 18.52 14.11
N ARG E 90 54.44 17.74 13.04
CA ARG E 90 55.40 16.73 12.63
C ARG E 90 55.61 15.67 13.72
N TRP E 91 54.59 14.86 13.97
CA TRP E 91 54.67 13.69 14.83
C TRP E 91 54.74 14.07 16.32
N ASP E 92 54.13 15.18 16.71
CA ASP E 92 54.02 15.58 18.10
C ASP E 92 52.54 15.71 18.44
N TRP E 93 51.96 14.64 18.97
CA TRP E 93 50.55 14.62 19.32
C TRP E 93 50.30 15.54 20.50
N LYS E 94 49.67 16.69 20.25
CA LYS E 94 49.40 17.64 21.32
C LYS E 94 48.43 17.05 22.34
N PHE E 95 47.43 16.32 21.89
CA PHE E 95 46.36 15.84 22.76
C PHE E 95 46.85 14.60 23.53
N GLY E 96 45.95 14.03 24.34
CA GLY E 96 46.32 12.96 25.24
C GLY E 96 46.24 11.58 24.60
N ASP E 97 46.29 10.57 25.47
CA ASP E 97 46.30 9.19 25.01
C ASP E 97 44.94 8.80 24.43
N ILE E 98 43.85 9.12 25.14
CA ILE E 98 42.52 8.73 24.68
C ILE E 98 42.20 9.35 23.33
N PRO E 99 42.44 10.64 23.09
CA PRO E 99 42.17 11.17 21.74
C PRO E 99 42.95 10.45 20.65
N CYS E 100 44.21 10.10 20.89
CA CYS E 100 44.99 9.38 19.88
C CYS E 100 44.41 7.99 19.64
N ARG E 101 44.07 7.28 20.72
CA ARG E 101 43.47 5.96 20.58
C ARG E 101 42.21 6.05 19.74
N LEU E 102 41.33 6.99 20.08
CA LEU E 102 40.07 7.13 19.34
C LEU E 102 40.33 7.50 17.88
N MET E 103 41.29 8.38 17.62
CA MET E 103 41.57 8.79 16.25
C MET E 103 42.06 7.62 15.42
N LEU E 104 43.02 6.85 15.94
CA LEU E 104 43.52 5.70 15.19
C LEU E 104 42.42 4.67 14.97
N PHE E 105 41.65 4.36 16.02
CA PHE E 105 40.59 3.36 15.89
C PHE E 105 39.55 3.81 14.87
N MET E 106 39.16 5.08 14.92
CA MET E 106 38.16 5.59 13.99
C MET E 106 38.70 5.58 12.56
N LEU E 107 39.98 5.95 12.37
CA LEU E 107 40.56 5.89 11.04
C LEU E 107 40.48 4.48 10.47
N ALA E 108 40.97 3.50 11.24
CA ALA E 108 40.97 2.12 10.75
C ALA E 108 39.56 1.65 10.47
N MET E 109 38.65 1.84 11.43
CA MET E 109 37.28 1.35 11.30
C MET E 109 36.60 2.00 10.10
N ASN E 110 36.77 3.31 9.94
CA ASN E 110 36.09 4.01 8.86
C ASN E 110 36.60 3.59 7.50
N ARG E 111 37.93 3.48 7.33
CA ARG E 111 38.44 3.07 6.04
C ARG E 111 38.02 1.64 5.70
N GLN E 112 38.10 0.73 6.68
CA GLN E 112 37.71 -0.64 6.40
C GLN E 112 36.22 -0.75 6.12
N GLY E 113 35.40 0.00 6.85
CA GLY E 113 33.98 -0.01 6.60
C GLY E 113 33.62 0.57 5.25
N SER E 114 34.30 1.64 4.84
CA SER E 114 34.07 2.21 3.52
C SER E 114 34.38 1.19 2.44
N ILE E 115 35.52 0.50 2.57
CA ILE E 115 35.88 -0.50 1.59
C ILE E 115 34.86 -1.63 1.57
N ILE E 116 34.43 -2.08 2.75
CA ILE E 116 33.46 -3.16 2.83
C ILE E 116 32.14 -2.74 2.19
N PHE E 117 31.70 -1.52 2.45
CA PHE E 117 30.42 -1.06 1.94
C PHE E 117 30.46 -0.87 0.43
N LEU E 118 31.56 -0.33 -0.11
CA LEU E 118 31.64 -0.22 -1.56
C LEU E 118 31.73 -1.60 -2.22
N THR E 119 32.41 -2.55 -1.58
CA THR E 119 32.44 -3.91 -2.11
C THR E 119 31.04 -4.52 -2.10
N VAL E 120 30.28 -4.29 -1.03
CA VAL E 120 28.92 -4.82 -0.95
C VAL E 120 28.03 -4.15 -1.99
N VAL E 121 28.25 -2.86 -2.26
CA VAL E 121 27.49 -2.18 -3.30
C VAL E 121 27.80 -2.77 -4.66
N ALA E 122 29.08 -3.06 -4.92
CA ALA E 122 29.45 -3.72 -6.18
C ALA E 122 28.80 -5.09 -6.28
N VAL E 123 28.77 -5.84 -5.18
CA VAL E 123 28.13 -7.16 -5.19
C VAL E 123 26.64 -7.02 -5.47
N ASP E 124 26.00 -6.02 -4.87
CA ASP E 124 24.58 -5.78 -5.11
C ASP E 124 24.32 -5.45 -6.58
N ARG E 125 25.16 -4.61 -7.18
CA ARG E 125 25.02 -4.29 -8.59
C ARG E 125 25.19 -5.54 -9.45
N TYR E 126 26.17 -6.38 -9.10
CA TYR E 126 26.37 -7.63 -9.84
C TYR E 126 25.15 -8.52 -9.74
N PHE E 127 24.57 -8.63 -8.55
CA PHE E 127 23.36 -9.45 -8.38
C PHE E 127 22.20 -8.88 -9.20
N ARG E 128 22.03 -7.56 -9.18
CA ARG E 128 20.94 -6.95 -9.93
C ARG E 128 21.10 -7.17 -11.43
N VAL E 129 22.32 -7.08 -11.93
CA VAL E 129 22.54 -7.17 -13.38
C VAL E 129 22.55 -8.62 -13.84
N VAL E 130 23.48 -9.42 -13.32
CA VAL E 130 23.65 -10.77 -13.81
C VAL E 130 22.45 -11.65 -13.43
N HIS E 131 21.89 -11.44 -12.25
CA HIS E 131 20.80 -12.25 -11.73
C HIS E 131 19.63 -11.34 -11.32
N PRO E 132 18.90 -10.80 -12.30
CA PRO E 132 17.80 -9.88 -11.95
C PRO E 132 16.75 -10.52 -11.07
N HIS E 133 16.45 -11.80 -11.27
CA HIS E 133 15.43 -12.47 -10.49
C HIS E 133 15.89 -12.73 -9.05
N HIS E 134 17.14 -13.13 -8.86
CA HIS E 134 17.65 -13.40 -7.52
C HIS E 134 17.77 -12.12 -6.70
N ALA E 135 17.98 -10.97 -7.35
CA ALA E 135 18.14 -9.73 -6.61
C ALA E 135 16.88 -9.36 -5.84
N LEU E 136 15.71 -9.81 -6.32
CA LEU E 136 14.45 -9.46 -5.66
C LEU E 136 14.34 -10.06 -4.27
N ASN E 137 15.20 -11.02 -3.93
CA ASN E 137 15.13 -11.65 -2.62
C ASN E 137 15.76 -10.79 -1.52
N LYS E 138 16.49 -9.74 -1.89
CA LYS E 138 17.22 -8.92 -0.93
C LYS E 138 16.67 -7.51 -0.80
N ILE E 139 15.48 -7.24 -1.36
CA ILE E 139 14.93 -5.89 -1.29
C ILE E 139 14.43 -5.55 0.11
N SER E 140 14.34 -6.54 1.00
CA SER E 140 13.86 -6.30 2.36
C SER E 140 14.69 -5.20 3.02
N ASN E 141 14.04 -4.08 3.36
CA ASN E 141 14.75 -2.98 3.99
C ASN E 141 15.29 -3.38 5.36
N ARG E 142 14.50 -4.11 6.13
CA ARG E 142 14.95 -4.55 7.45
C ARG E 142 16.17 -5.47 7.33
N THR E 143 16.16 -6.38 6.35
CA THR E 143 17.30 -7.24 6.14
C THR E 143 18.53 -6.43 5.74
N ALA E 144 18.35 -5.39 4.92
CA ALA E 144 19.46 -4.53 4.54
C ALA E 144 20.03 -3.82 5.76
N ALA E 145 19.15 -3.31 6.62
CA ALA E 145 19.63 -2.64 7.84
C ALA E 145 20.38 -3.61 8.74
N ILE E 146 19.88 -4.84 8.87
CA ILE E 146 20.56 -5.84 9.70
C ILE E 146 21.93 -6.15 9.10
N ILE E 147 22.01 -6.28 7.78
CA ILE E 147 23.29 -6.57 7.13
C ILE E 147 24.26 -5.42 7.35
N SER E 148 23.77 -4.18 7.23
CA SER E 148 24.64 -3.03 7.47
C SER E 148 25.15 -3.00 8.90
N CYS E 149 24.27 -3.29 9.86
CA CYS E 149 24.69 -3.32 11.26
C CYS E 149 25.73 -4.42 11.50
N LEU E 150 25.52 -5.59 10.89
CA LEU E 150 26.48 -6.69 11.04
C LEU E 150 27.83 -6.32 10.42
N LEU E 151 27.81 -5.67 9.26
CA LEU E 151 29.06 -5.23 8.64
C LEU E 151 29.78 -4.21 9.52
N TRP E 152 29.03 -3.26 10.09
CA TRP E 152 29.62 -2.31 11.03
C TRP E 152 30.24 -3.03 12.23
N GLY E 153 29.53 -4.03 12.76
CA GLY E 153 30.05 -4.77 13.89
C GLY E 153 31.34 -5.50 13.56
N ILE E 154 31.39 -6.14 12.39
CA ILE E 154 32.62 -6.81 11.97
C ILE E 154 33.76 -5.80 11.81
N THR E 155 33.47 -4.66 11.16
CA THR E 155 34.51 -3.66 10.96
C THR E 155 35.05 -3.16 12.29
N ILE E 156 34.17 -2.91 13.25
CA ILE E 156 34.62 -2.46 14.56
C ILE E 156 35.44 -3.56 15.24
N GLY E 157 34.97 -4.80 15.17
CA GLY E 157 35.66 -5.89 15.83
C GLY E 157 37.08 -6.11 15.31
N LEU E 158 37.27 -6.05 14.00
CA LEU E 158 38.62 -6.22 13.46
C LEU E 158 39.52 -5.04 13.80
N THR E 159 38.95 -3.87 14.09
CA THR E 159 39.73 -2.67 14.38
C THR E 159 39.72 -2.27 15.85
N VAL E 160 38.90 -2.90 16.68
CA VAL E 160 38.81 -2.52 18.08
C VAL E 160 40.10 -2.80 18.83
N HIS E 161 40.93 -3.73 18.36
CA HIS E 161 42.14 -4.09 19.07
C HIS E 161 43.10 -2.91 19.21
N LEU E 162 42.97 -1.90 18.35
CA LEU E 162 43.81 -0.71 18.48
C LEU E 162 43.56 0.03 19.79
N LEU E 163 42.36 -0.10 20.37
CA LEU E 163 42.04 0.65 21.58
C LEU E 163 42.80 0.10 22.79
N LYS E 164 43.01 -1.21 22.85
CA LYS E 164 43.63 -1.84 24.02
C LYS E 164 45.16 -1.80 23.94
N LYS E 165 45.72 -0.59 23.91
CA LYS E 165 47.17 -0.42 23.85
C LYS E 165 47.49 1.03 24.17
N LYS E 166 48.37 1.25 25.15
CA LYS E 166 48.84 2.60 25.44
C LYS E 166 49.77 3.06 24.32
N MET E 167 49.22 3.84 23.40
CA MET E 167 49.88 4.15 22.13
C MET E 167 50.94 5.24 22.26
N PRO E 168 50.64 6.38 22.90
CA PRO E 168 51.49 7.58 22.70
C PRO E 168 52.87 7.48 23.32
N ILE E 169 53.77 6.81 22.59
CA ILE E 169 55.16 6.70 23.02
C ILE E 169 55.92 7.94 22.59
N GLN E 170 56.95 8.29 23.37
CA GLN E 170 57.63 9.57 23.20
C GLN E 170 59.03 9.39 22.63
N ASN E 171 59.42 10.29 21.74
CA ASN E 171 60.75 10.30 21.12
C ASN E 171 61.27 11.72 21.04
N GLY E 172 62.20 12.07 21.91
CA GLY E 172 62.95 13.31 21.77
C GLY E 172 62.10 14.57 21.69
N GLY E 173 61.11 14.70 22.57
CA GLY E 173 60.23 15.85 22.54
C GLY E 173 59.04 15.71 21.63
N ALA E 174 58.92 14.59 20.91
CA ALA E 174 57.79 14.31 20.04
C ALA E 174 57.14 13.01 20.48
N ASN E 175 55.82 13.04 20.64
CA ASN E 175 55.07 11.87 21.11
C ASN E 175 54.49 11.17 19.89
N LEU E 176 55.08 10.02 19.54
CA LEU E 176 54.68 9.30 18.34
C LEU E 176 53.22 8.86 18.44
N CYS E 177 52.54 8.83 17.30
CA CYS E 177 51.09 8.69 17.27
C CYS E 177 50.68 7.69 16.18
N SER E 178 51.62 6.88 15.71
CA SER E 178 51.41 6.07 14.52
C SER E 178 51.23 4.61 14.90
N SER E 179 50.28 3.94 14.22
CA SER E 179 50.13 2.50 14.34
C SER E 179 51.09 1.74 13.44
N PHE E 180 51.49 2.32 12.31
CA PHE E 180 52.48 1.75 11.42
C PHE E 180 53.87 2.16 11.90
N SER E 181 54.65 1.17 12.36
CA SER E 181 55.96 1.49 12.93
C SER E 181 57.08 0.61 12.37
N ILE E 182 56.87 -0.11 11.28
CA ILE E 182 57.92 -0.92 10.67
C ILE E 182 58.44 -1.92 11.70
N CYS E 183 57.52 -2.56 12.42
CA CYS E 183 57.92 -3.52 13.44
C CYS E 183 58.70 -4.67 12.83
N HIS E 184 59.47 -5.36 13.67
CA HIS E 184 60.31 -6.47 13.25
C HIS E 184 59.53 -7.78 13.09
N THR E 185 58.21 -7.75 13.28
CA THR E 185 57.39 -8.95 13.19
C THR E 185 56.16 -8.66 12.34
N PHE E 186 55.57 -9.73 11.80
CA PHE E 186 54.37 -9.62 10.98
C PHE E 186 53.14 -9.34 11.85
N GLN E 187 53.08 -8.10 12.34
CA GLN E 187 51.96 -7.69 13.17
C GLN E 187 50.66 -7.81 12.40
N TRP E 188 49.62 -8.30 13.07
CA TRP E 188 48.37 -8.63 12.38
C TRP E 188 47.73 -7.41 11.73
N HIS E 189 48.01 -6.22 12.24
CA HIS E 189 47.38 -5.02 11.68
C HIS E 189 47.76 -4.83 10.21
N GLU E 190 49.04 -5.01 9.88
CA GLU E 190 49.47 -4.83 8.50
C GLU E 190 48.95 -5.96 7.60
N ALA E 191 48.87 -7.18 8.12
CA ALA E 191 48.27 -8.26 7.33
C ALA E 191 46.80 -7.98 7.02
N MET E 192 46.07 -7.45 8.02
CA MET E 192 44.69 -7.05 7.78
C MET E 192 44.62 -5.92 6.76
N PHE E 193 45.53 -4.96 6.86
CA PHE E 193 45.60 -3.89 5.88
C PHE E 193 45.80 -4.44 4.47
N LEU E 194 46.66 -5.44 4.33
CA LEU E 194 46.93 -6.03 3.01
C LEU E 194 45.72 -6.80 2.49
N LEU E 195 45.10 -7.63 3.32
CA LEU E 195 43.95 -8.40 2.84
C LEU E 195 42.77 -7.50 2.52
N GLU E 196 42.61 -6.40 3.28
CA GLU E 196 41.53 -5.46 3.04
C GLU E 196 41.58 -4.87 1.63
N PHE E 197 42.75 -4.90 0.99
CA PHE E 197 42.86 -4.51 -0.41
C PHE E 197 42.87 -5.71 -1.34
N PHE E 198 43.47 -6.82 -0.92
CA PHE E 198 43.58 -7.99 -1.80
C PHE E 198 42.21 -8.58 -2.11
N LEU E 199 41.38 -8.79 -1.09
CA LEU E 199 40.11 -9.48 -1.30
C LEU E 199 39.07 -8.57 -1.94
N PRO E 200 38.79 -7.40 -1.37
CA PRO E 200 37.81 -6.51 -2.01
C PRO E 200 38.17 -6.12 -3.42
N LEU E 201 39.46 -5.96 -3.72
CA LEU E 201 39.86 -5.65 -5.10
C LEU E 201 39.44 -6.77 -6.04
N GLY E 202 39.70 -8.02 -5.66
CA GLY E 202 39.30 -9.13 -6.50
C GLY E 202 37.79 -9.23 -6.65
N ILE E 203 37.05 -9.02 -5.56
CA ILE E 203 35.60 -9.06 -5.63
C ILE E 203 35.08 -7.99 -6.58
N ILE E 204 35.61 -6.77 -6.47
CA ILE E 204 35.18 -5.68 -7.32
C ILE E 204 35.50 -5.98 -8.77
N LEU E 205 36.70 -6.50 -9.03
CA LEU E 205 37.07 -6.82 -10.41
C LEU E 205 36.15 -7.88 -11.00
N PHE E 206 35.86 -8.93 -10.23
CA PHE E 206 34.98 -9.98 -10.72
C PHE E 206 33.59 -9.44 -11.01
N CYS E 207 33.03 -8.67 -10.08
CA CYS E 207 31.70 -8.13 -10.28
C CYS E 207 31.65 -7.20 -11.50
N SER E 208 32.67 -6.33 -11.63
CA SER E 208 32.70 -5.41 -12.76
C SER E 208 32.83 -6.16 -14.08
N ALA E 209 33.67 -7.19 -14.13
CA ALA E 209 33.81 -7.96 -15.36
C ALA E 209 32.51 -8.66 -15.72
N ARG E 210 31.85 -9.26 -14.74
CA ARG E 210 30.59 -9.94 -15.02
C ARG E 210 29.54 -8.97 -15.51
N ILE E 211 29.44 -7.79 -14.87
CA ILE E 211 28.47 -6.79 -15.31
C ILE E 211 28.80 -6.32 -16.72
N ILE E 212 30.09 -6.09 -16.99
CA ILE E 212 30.51 -5.66 -18.32
C ILE E 212 30.07 -6.67 -19.37
N TRP E 213 30.36 -7.95 -19.12
CA TRP E 213 30.00 -8.98 -20.09
C TRP E 213 28.49 -9.04 -20.28
N SER E 214 27.73 -9.08 -19.19
CA SER E 214 26.28 -9.24 -19.30
C SER E 214 25.65 -8.07 -20.03
N LEU E 215 26.08 -6.84 -19.72
CA LEU E 215 25.47 -5.67 -20.33
C LEU E 215 25.90 -5.49 -21.78
N ARG E 216 27.17 -5.79 -22.08
CA ARG E 216 27.67 -5.61 -23.43
C ARG E 216 27.21 -6.71 -24.37
N GLN E 217 26.78 -7.86 -23.84
CA GLN E 217 26.32 -8.94 -24.71
C GLN E 217 24.88 -8.74 -25.18
N ARG E 218 24.08 -7.93 -24.49
CA ARG E 218 22.64 -7.91 -24.74
C ARG E 218 22.00 -6.52 -24.84
N GLN E 219 22.60 -5.46 -24.29
CA GLN E 219 21.94 -4.15 -24.30
C GLN E 219 22.82 -2.97 -24.65
N MET E 220 24.15 -3.12 -24.76
CA MET E 220 25.02 -1.95 -24.87
C MET E 220 24.57 -0.99 -25.97
N ASP E 221 24.34 -1.53 -27.17
CA ASP E 221 24.04 -0.67 -28.32
C ASP E 221 22.70 0.05 -28.19
N ARG E 222 21.83 -0.39 -27.27
CA ARG E 222 20.45 0.09 -27.28
C ARG E 222 20.36 1.57 -26.94
N HIS E 223 20.96 2.00 -25.83
CA HIS E 223 20.70 3.35 -25.35
C HIS E 223 21.87 3.79 -24.48
N ALA E 224 22.14 5.10 -24.52
CA ALA E 224 23.41 5.62 -24.01
C ALA E 224 23.58 5.43 -22.51
N LYS E 225 22.49 5.45 -21.73
CA LYS E 225 22.65 5.32 -20.28
C LYS E 225 23.38 4.04 -19.91
N ILE E 226 23.24 3.00 -20.72
CA ILE E 226 24.01 1.77 -20.50
C ILE E 226 25.50 2.05 -20.63
N LYS E 227 25.88 2.82 -21.65
CA LYS E 227 27.28 3.21 -21.81
C LYS E 227 27.76 4.04 -20.62
N ARG E 228 26.92 4.96 -20.14
CA ARG E 228 27.29 5.77 -18.99
C ARG E 228 27.53 4.90 -17.76
N ALA E 229 26.61 3.97 -17.50
CA ALA E 229 26.75 3.08 -16.36
C ALA E 229 27.99 2.21 -16.49
N ILE E 230 28.26 1.70 -17.69
CA ILE E 230 29.45 0.88 -17.91
C ILE E 230 30.70 1.69 -17.62
N THR E 231 30.76 2.91 -18.16
CA THR E 231 31.94 3.75 -17.97
C THR E 231 32.16 4.06 -16.49
N PHE E 232 31.08 4.38 -15.77
CA PHE E 232 31.25 4.72 -14.35
C PHE E 232 31.58 3.51 -13.52
N ILE E 233 31.05 2.33 -13.87
CA ILE E 233 31.42 1.11 -13.17
C ILE E 233 32.90 0.83 -13.35
N MET E 234 33.41 1.00 -14.58
CA MET E 234 34.84 0.83 -14.80
C MET E 234 35.64 1.89 -14.04
N VAL E 235 35.12 3.12 -13.99
CA VAL E 235 35.83 4.20 -13.31
C VAL E 235 35.95 3.91 -11.82
N VAL E 236 34.93 3.30 -11.22
CA VAL E 236 34.99 2.97 -9.80
C VAL E 236 36.19 2.07 -9.53
N ALA E 237 36.33 0.99 -10.30
CA ALA E 237 37.44 0.08 -10.10
C ALA E 237 38.77 0.76 -10.42
N ILE E 238 38.79 1.59 -11.47
CA ILE E 238 40.04 2.25 -11.84
C ILE E 238 40.52 3.16 -10.72
N VAL E 239 39.60 3.94 -10.14
CA VAL E 239 39.95 4.83 -9.04
C VAL E 239 40.42 4.01 -7.84
N PHE E 240 39.67 2.97 -7.49
CA PHE E 240 40.04 2.13 -6.36
C PHE E 240 41.46 1.60 -6.53
N VAL E 241 41.78 1.09 -7.71
CA VAL E 241 43.11 0.54 -7.96
C VAL E 241 44.15 1.66 -7.86
N ILE E 242 44.06 2.66 -8.73
CA ILE E 242 45.09 3.69 -8.79
C ILE E 242 45.28 4.40 -7.47
N CYS E 243 44.32 4.31 -6.55
CA CYS E 243 44.46 4.97 -5.26
C CYS E 243 44.99 4.06 -4.16
N PHE E 244 44.47 2.83 -4.05
CA PHE E 244 44.87 1.95 -2.97
C PHE E 244 46.12 1.13 -3.30
N LEU E 245 46.38 0.84 -4.57
CA LEU E 245 47.52 -0.01 -4.91
C LEU E 245 48.85 0.55 -4.43
N PRO E 246 49.14 1.85 -4.55
CA PRO E 246 50.46 2.34 -4.12
C PRO E 246 50.79 2.02 -2.66
N SER E 247 49.81 2.14 -1.77
CA SER E 247 50.04 1.81 -0.37
C SER E 247 50.42 0.35 -0.21
N VAL E 248 49.70 -0.53 -0.90
CA VAL E 248 49.99 -1.95 -0.82
C VAL E 248 51.38 -2.24 -1.39
N VAL E 249 51.76 -1.55 -2.47
CA VAL E 249 53.06 -1.78 -3.08
C VAL E 249 54.17 -1.36 -2.13
N VAL E 250 54.04 -0.19 -1.50
CA VAL E 250 55.08 0.27 -0.60
C VAL E 250 55.17 -0.62 0.63
N ARG E 251 54.02 -1.07 1.14
CA ARG E 251 54.06 -1.97 2.30
C ARG E 251 54.64 -3.34 1.92
N ILE E 252 54.37 -3.81 0.71
CA ILE E 252 54.99 -5.05 0.25
C ILE E 252 56.49 -4.88 0.14
N ARG E 253 56.94 -3.70 -0.30
CA ARG E 253 58.37 -3.41 -0.32
C ARG E 253 58.95 -3.46 1.09
N ILE E 254 58.23 -2.87 2.06
CA ILE E 254 58.71 -2.87 3.44
C ILE E 254 58.84 -4.30 3.95
N PHE E 255 57.81 -5.13 3.71
CA PHE E 255 57.89 -6.52 4.13
C PHE E 255 59.01 -7.28 3.42
N TRP E 256 59.20 -7.05 2.12
CA TRP E 256 60.28 -7.71 1.40
C TRP E 256 61.63 -7.31 1.95
N LEU E 257 61.75 -6.08 2.47
CA LEU E 257 62.97 -5.66 3.14
C LEU E 257 63.01 -6.16 4.58
N LEU E 258 62.80 -7.47 4.77
CA LEU E 258 62.88 -8.04 6.11
C LEU E 258 64.30 -8.42 6.48
N HIS E 259 65.20 -8.50 5.49
CA HIS E 259 66.57 -8.94 5.76
C HIS E 259 67.47 -7.79 6.15
N THR E 260 67.57 -6.77 5.30
CA THR E 260 68.45 -5.63 5.56
C THR E 260 67.84 -4.38 4.94
N SER E 261 68.23 -3.23 5.48
CA SER E 261 67.75 -1.93 5.05
C SER E 261 66.33 -1.68 5.57
N GLY E 262 65.72 -2.70 6.17
CA GLY E 262 64.53 -2.54 6.97
C GLY E 262 64.68 -3.01 8.39
N THR E 263 65.74 -3.77 8.65
CA THR E 263 66.09 -4.23 9.98
C THR E 263 67.61 -4.25 10.09
N GLN E 264 68.10 -3.91 11.29
CA GLN E 264 69.53 -3.97 11.59
C GLN E 264 70.31 -2.82 10.97
N ASN E 265 69.64 -1.96 10.21
CA ASN E 265 70.31 -0.81 9.60
C ASN E 265 69.24 0.11 9.00
N CYS E 266 69.52 1.40 9.01
CA CYS E 266 68.55 2.41 8.60
C CYS E 266 69.29 3.56 7.94
N GLU E 267 68.60 4.70 7.80
CA GLU E 267 69.15 5.92 7.21
C GLU E 267 69.37 5.80 5.71
N VAL E 268 69.09 4.62 5.14
CA VAL E 268 69.04 4.46 3.69
C VAL E 268 67.65 4.03 3.22
N TYR E 269 66.72 3.82 4.15
CA TYR E 269 65.37 3.37 3.86
C TYR E 269 64.34 4.48 4.07
N ARG E 270 64.79 5.72 4.31
CA ARG E 270 63.87 6.83 4.57
C ARG E 270 62.81 6.94 3.49
N SER E 271 63.23 6.84 2.22
CA SER E 271 62.31 7.11 1.12
C SER E 271 61.10 6.18 1.16
N VAL E 272 61.26 4.96 1.68
CA VAL E 272 60.16 4.02 1.70
C VAL E 272 59.03 4.53 2.58
N ASP E 273 59.35 4.91 3.83
CA ASP E 273 58.32 5.45 4.71
C ASP E 273 57.81 6.79 4.20
N LEU E 274 58.70 7.62 3.65
CA LEU E 274 58.28 8.89 3.09
C LEU E 274 57.19 8.67 2.05
N ALA E 275 57.40 7.72 1.13
CA ALA E 275 56.41 7.45 0.09
C ALA E 275 55.19 6.74 0.66
N PHE E 276 55.37 5.95 1.71
CA PHE E 276 54.23 5.28 2.34
C PHE E 276 53.23 6.28 2.87
N PHE E 277 53.71 7.37 3.47
CA PHE E 277 52.79 8.38 3.98
C PHE E 277 52.08 9.14 2.86
N ILE E 278 52.75 9.38 1.73
CA ILE E 278 52.05 9.97 0.58
C ILE E 278 51.01 8.99 0.06
N THR E 279 51.31 7.69 0.11
CA THR E 279 50.31 6.71 -0.30
C THR E 279 49.10 6.73 0.62
N LEU E 280 49.31 6.93 1.92
CA LEU E 280 48.17 7.09 2.82
C LEU E 280 47.37 8.35 2.50
N SER E 281 48.07 9.45 2.18
CA SER E 281 47.36 10.64 1.74
C SER E 281 46.53 10.35 0.49
N PHE E 282 47.05 9.50 -0.40
CA PHE E 282 46.30 9.10 -1.59
C PHE E 282 45.09 8.25 -1.22
N THR E 283 45.23 7.41 -0.19
CA THR E 283 44.08 6.65 0.29
C THR E 283 42.98 7.60 0.75
N TYR E 284 43.35 8.65 1.49
CA TYR E 284 42.38 9.68 1.87
C TYR E 284 41.83 10.42 0.65
N MET E 285 42.67 10.67 -0.35
CA MET E 285 42.21 11.24 -1.62
C MET E 285 41.08 10.41 -2.21
N ASN E 286 41.27 9.09 -2.29
CA ASN E 286 40.21 8.22 -2.76
C ASN E 286 38.99 8.28 -1.85
N SER E 287 39.22 8.31 -0.54
CA SER E 287 38.09 8.35 0.39
C SER E 287 37.20 9.55 0.12
N MET E 288 37.81 10.71 -0.17
CA MET E 288 36.99 11.89 -0.39
C MET E 288 36.45 11.96 -1.81
N LEU E 289 37.10 11.28 -2.77
CA LEU E 289 36.57 11.19 -4.13
C LEU E 289 35.45 10.17 -4.26
N ASP E 290 35.28 9.28 -3.28
CA ASP E 290 34.22 8.28 -3.34
C ASP E 290 32.84 8.86 -3.61
N PRO E 291 32.38 9.92 -2.93
CA PRO E 291 31.01 10.38 -3.15
C PRO E 291 30.80 11.03 -4.51
N VAL E 292 31.83 11.64 -5.09
CA VAL E 292 31.71 12.16 -6.45
C VAL E 292 31.52 11.00 -7.44
N VAL E 293 32.27 9.93 -7.26
CA VAL E 293 32.19 8.79 -8.18
C VAL E 293 30.85 8.08 -8.03
N TYR E 294 30.35 7.97 -6.79
CA TYR E 294 29.16 7.17 -6.54
C TYR E 294 27.87 7.98 -6.59
N TYR E 295 27.76 9.03 -5.77
CA TYR E 295 26.49 9.70 -5.61
C TYR E 295 26.13 10.55 -6.83
N PHE E 296 27.09 11.30 -7.36
CA PHE E 296 26.82 12.13 -8.53
C PHE E 296 26.64 11.31 -9.79
N SER E 297 26.92 10.00 -9.75
CA SER E 297 26.75 9.17 -10.94
C SER E 297 25.30 9.10 -11.37
N SER E 298 24.39 8.95 -10.43
CA SER E 298 22.98 8.75 -10.77
C SER E 298 22.42 10.01 -11.41
N PRO E 299 21.64 9.90 -12.48
CA PRO E 299 21.10 11.11 -13.12
C PRO E 299 20.14 11.89 -12.23
N SER E 300 19.57 11.27 -11.20
CA SER E 300 18.66 11.99 -10.31
C SER E 300 19.42 12.89 -9.33
N PHE E 301 20.64 12.51 -8.97
CA PHE E 301 21.41 13.32 -8.03
C PHE E 301 21.67 14.73 -8.55
N PRO E 302 22.02 14.94 -9.82
CA PRO E 302 22.07 16.32 -10.34
C PRO E 302 20.76 17.07 -10.19
N ASN E 303 19.63 16.40 -10.39
CA ASN E 303 18.34 17.07 -10.18
C ASN E 303 18.17 17.49 -8.73
N PHE E 304 18.51 16.60 -7.79
CA PHE E 304 18.41 16.96 -6.38
C PHE E 304 19.34 18.12 -6.04
N PHE E 305 20.57 18.09 -6.57
CA PHE E 305 21.51 19.17 -6.31
C PHE E 305 21.00 20.49 -6.86
N SER E 306 20.42 20.48 -8.07
CA SER E 306 19.85 21.70 -8.64
C SER E 306 18.67 22.21 -7.83
N THR E 307 17.82 21.32 -7.33
CA THR E 307 16.68 21.71 -6.52
C THR E 307 17.09 22.32 -5.19
N LEU E 308 18.09 21.75 -4.53
CA LEU E 308 18.55 22.27 -3.25
C LEU E 308 19.41 23.51 -3.45
C10 OKL F . 47.71 7.56 8.26
C12 OKL F . 48.04 7.57 9.77
C13 OKL F . 47.67 6.53 10.56
C15 OKL F . 48.72 7.98 11.80
C01 OKL F . 44.47 1.96 10.13
C02 OKL F . 45.14 2.05 11.49
C03 OKL F . 44.67 3.33 12.20
C04 OKL F . 45.13 4.53 11.38
C05 OKL F . 46.52 4.26 10.82
C07 OKL F . 46.59 5.35 8.56
N06 OKL F . 46.92 5.37 9.97
N09 OKL F . 46.98 6.45 7.71
N14 OKL F . 48.09 6.78 11.82
N16 OKL F . 48.70 8.45 10.54
O08 OKL F . 46.00 4.44 8.10
O11 OKL F . 48.03 8.47 7.58
CL17 OKL F . 49.47 8.77 13.20
#